data_7VDQ
#
_entry.id   7VDQ
#
_cell.length_a   117.610
_cell.length_b   117.610
_cell.length_c   154.010
_cell.angle_alpha   90.000
_cell.angle_beta   90.000
_cell.angle_gamma   120.000
#
_symmetry.space_group_name_H-M   'P 32 2 1'
#
loop_
_entity.id
_entity.type
_entity.pdbx_description
1 polymer 'Cyclin-dependent-like kinase 5'
2 polymer 'Cyclin-dependent kinase 5 activator 1, p25'
3 non-polymer '2-[[7-[[2-fluoranyl-4-[3-(hydroxymethyl)pyrazol-1-yl]phenyl]amino]-1,6-naphthyridin-2-yl]-(1-methylpiperidin-4-yl)amino]ethanoic acid'
4 water water
#
loop_
_entity_poly.entity_id
_entity_poly.type
_entity_poly.pdbx_seq_one_letter_code
_entity_poly.pdbx_strand_id
1 'polypeptide(L)'
;SQKYEKLEKIGEGTYGTVFKAKNRETHEIVALKRVRLDDDDEGVPSSALREICLLKELKHKNIVRLHDVLHSDKKLTLVF
EFCDQDLKKYFDSCNGDLDPEIVKSFLFQLLKGLGFCHSRNVLHRDLKPQNLLINRNGELKLADFGLARAFGIPVRCYSA
EVVTLWYRPPDVLFGAKLYSTSIDMWSAGCIFAELANAGRPLFPGNDVDDQLKRIFRLLGTPTEEQWPSMTKLPDYKPYP
MYPATTSLVNVVPKLNATGRDLLQNLLKCNPVQRISAEEALQHPYFSDFCPP
;
A,B
2 'polypeptide(L)'
;MQPPPAQPPAPPASQLSGSQTGGSSSVKKAPHPAVTSAGTPKRVIVQASTSELLRCLGEFLCRRCYRLKHLSPTDPVLWL
RSVDRSLLLQGWQDQGFITPANVVFLYMLCRDVISSEVGSDHELQAVLLTCLYLSYSYMGNEISYPLKPFLVESCKEAFW
DRCLSVINLMSSKMLQINADPHYFTQVFSDLKNESGQEDKKRLLLGLDR
;
C,D
#
# COMPACT_ATOMS: atom_id res chain seq x y z
N GLN A 2 -22.15 6.70 -2.76
CA GLN A 2 -23.46 7.47 -2.70
C GLN A 2 -23.50 8.39 -1.48
N LYS A 3 -23.28 7.84 -0.28
CA LYS A 3 -23.35 8.63 0.97
C LYS A 3 -22.05 9.40 1.20
N TYR A 4 -20.97 9.08 0.47
CA TYR A 4 -19.61 9.67 0.68
C TYR A 4 -18.98 10.09 -0.65
N GLU A 5 -18.39 11.28 -0.69
CA GLU A 5 -17.65 11.86 -1.86
C GLU A 5 -16.14 11.67 -1.62
N LYS A 6 -15.46 10.89 -2.47
CA LYS A 6 -13.99 10.68 -2.38
C LYS A 6 -13.25 11.96 -2.78
N LEU A 7 -12.20 12.30 -2.05
CA LEU A 7 -11.42 13.56 -2.20
C LEU A 7 -10.03 13.27 -2.77
N GLU A 8 -9.34 12.25 -2.24
CA GLU A 8 -7.97 11.85 -2.68
C GLU A 8 -7.58 10.58 -1.92
N LYS A 9 -6.71 9.75 -2.52
CA LYS A 9 -6.25 8.49 -1.87
C LYS A 9 -5.13 8.87 -0.91
N ILE A 10 -5.15 8.30 0.29
CA ILE A 10 -4.14 8.47 1.38
C ILE A 10 -3.03 7.42 1.22
N GLY A 11 -3.44 6.14 1.09
CA GLY A 11 -2.55 4.99 0.82
C GLY A 11 -3.32 3.80 0.26
N GLU A 12 -2.60 2.80 -0.27
CA GLU A 12 -3.16 1.54 -0.82
C GLU A 12 -2.16 0.38 -0.59
N GLY A 13 -2.64 -0.75 -0.07
CA GLY A 13 -1.87 -2.01 0.09
C GLY A 13 -2.77 -3.24 0.00
N THR A 14 -2.26 -4.41 0.38
CA THR A 14 -3.01 -5.70 0.54
C THR A 14 -4.27 -5.47 1.39
N TYR A 15 -4.16 -4.62 2.43
CA TYR A 15 -5.20 -4.31 3.44
C TYR A 15 -6.41 -3.63 2.78
N GLY A 16 -6.19 -2.94 1.66
CA GLY A 16 -7.23 -2.21 0.89
C GLY A 16 -6.80 -0.78 0.59
N THR A 17 -7.62 -0.05 -0.17
CA THR A 17 -7.34 1.37 -0.50
C THR A 17 -8.05 2.26 0.54
N VAL A 18 -7.36 3.31 0.96
CA VAL A 18 -7.78 4.28 2.00
C VAL A 18 -7.90 5.66 1.34
N PHE A 19 -9.11 6.21 1.28
CA PHE A 19 -9.37 7.58 0.75
C PHE A 19 -9.69 8.54 1.91
N LYS A 20 -9.28 9.80 1.77
CA LYS A 20 -9.93 10.96 2.41
C LYS A 20 -11.29 11.14 1.74
N ALA A 21 -12.32 11.48 2.50
CA ALA A 21 -13.72 11.54 2.00
C ALA A 21 -14.53 12.55 2.82
N LYS A 22 -15.66 12.93 2.24
CA LYS A 22 -16.66 13.89 2.77
C LYS A 22 -18.00 13.16 2.81
N ASN A 23 -18.72 13.26 3.94
CA ASN A 23 -20.14 12.84 4.06
C ASN A 23 -21.00 13.79 3.22
N ARG A 24 -21.80 13.24 2.30
CA ARG A 24 -22.65 14.05 1.38
C ARG A 24 -23.75 14.75 2.18
N GLU A 25 -24.26 14.11 3.24
CA GLU A 25 -25.33 14.67 4.11
C GLU A 25 -24.77 15.79 5.00
N THR A 26 -23.72 15.50 5.78
CA THR A 26 -23.25 16.31 6.94
C THR A 26 -22.01 17.13 6.60
N HIS A 27 -21.33 16.82 5.49
CA HIS A 27 -20.13 17.52 4.96
C HIS A 27 -18.89 17.30 5.85
N GLU A 28 -18.96 16.39 6.83
CA GLU A 28 -17.85 16.09 7.76
C GLU A 28 -16.79 15.27 7.03
N ILE A 29 -15.52 15.58 7.26
CA ILE A 29 -14.32 14.93 6.65
C ILE A 29 -13.99 13.66 7.44
N VAL A 30 -14.11 12.52 6.78
CA VAL A 30 -13.80 11.17 7.33
C VAL A 30 -12.64 10.56 6.53
N ALA A 31 -12.25 9.33 6.89
CA ALA A 31 -11.31 8.48 6.13
C ALA A 31 -12.02 7.16 5.82
N LEU A 32 -12.02 6.75 4.54
CA LEU A 32 -12.66 5.49 4.08
C LEU A 32 -11.57 4.46 3.80
N LYS A 33 -11.71 3.26 4.36
CA LYS A 33 -10.89 2.08 3.96
C LYS A 33 -11.80 1.16 3.15
N ARG A 34 -11.48 1.01 1.87
CA ARG A 34 -12.30 0.22 0.91
C ARG A 34 -11.70 -1.18 0.82
N VAL A 35 -12.51 -2.20 1.11
CA VAL A 35 -12.12 -3.64 1.21
C VAL A 35 -12.94 -4.43 0.19
N ARG A 36 -12.27 -4.98 -0.84
CA ARG A 36 -12.91 -5.68 -1.98
C ARG A 36 -13.26 -7.11 -1.55
N LEU A 37 -14.49 -7.54 -1.83
CA LEU A 37 -15.07 -8.85 -1.38
C LEU A 37 -15.16 -9.81 -2.57
N ASP A 38 -14.89 -9.34 -3.79
CA ASP A 38 -15.21 -10.05 -5.06
C ASP A 38 -14.13 -11.11 -5.33
N ASP A 39 -12.98 -11.08 -4.66
CA ASP A 39 -11.98 -12.18 -4.75
C ASP A 39 -12.28 -13.18 -3.63
N ASP A 40 -12.83 -14.35 -3.97
CA ASP A 40 -13.43 -15.33 -3.03
C ASP A 40 -12.40 -16.41 -2.66
N ASP A 41 -11.13 -16.24 -3.04
CA ASP A 41 -10.02 -17.16 -2.70
C ASP A 41 -8.86 -16.39 -2.04
N GLU A 42 -9.11 -15.18 -1.54
CA GLU A 42 -8.17 -14.39 -0.69
C GLU A 42 -8.93 -13.93 0.57
N GLY A 43 -8.28 -14.00 1.74
CA GLY A 43 -8.95 -13.82 3.04
C GLY A 43 -8.88 -12.41 3.59
N VAL A 44 -8.72 -11.37 2.76
CA VAL A 44 -8.60 -9.95 3.21
C VAL A 44 -9.83 -9.60 4.05
N PRO A 45 -11.06 -9.91 3.58
CA PRO A 45 -12.27 -9.70 4.40
C PRO A 45 -12.15 -10.23 5.84
N SER A 46 -11.78 -11.50 6.02
CA SER A 46 -11.43 -12.17 7.31
C SER A 46 -10.85 -11.18 8.31
N SER A 47 -9.77 -10.48 7.95
CA SER A 47 -9.04 -9.51 8.80
C SER A 47 -9.90 -8.27 9.03
N ALA A 48 -10.56 -7.78 7.98
CA ALA A 48 -11.44 -6.58 8.05
C ALA A 48 -12.54 -6.80 9.08
N LEU A 49 -13.23 -7.93 9.06
CA LEU A 49 -14.33 -8.27 10.01
C LEU A 49 -13.82 -8.32 11.46
N ARG A 50 -12.61 -8.85 11.68
CA ARG A 50 -11.97 -8.91 13.02
C ARG A 50 -11.70 -7.47 13.47
N GLU A 51 -11.16 -6.64 12.59
CA GLU A 51 -10.86 -5.20 12.89
C GLU A 51 -12.15 -4.49 13.32
N ILE A 52 -13.27 -4.86 12.72
CA ILE A 52 -14.61 -4.25 12.99
C ILE A 52 -15.08 -4.71 14.37
N CYS A 53 -15.04 -6.01 14.67
CA CYS A 53 -15.45 -6.60 15.98
C CYS A 53 -14.70 -5.96 17.15
N LEU A 54 -13.45 -5.53 16.94
CA LEU A 54 -12.54 -5.08 18.02
C LEU A 54 -12.71 -3.57 18.25
N LEU A 55 -12.76 -2.79 17.17
CA LEU A 55 -12.87 -1.32 17.22
C LEU A 55 -14.26 -0.89 17.68
N LYS A 56 -15.28 -1.73 17.50
CA LYS A 56 -16.67 -1.52 18.00
C LYS A 56 -16.68 -1.57 19.54
N GLU A 57 -15.65 -2.19 20.13
CA GLU A 57 -15.50 -2.36 21.60
C GLU A 57 -14.24 -1.66 22.11
N LEU A 58 -13.71 -0.69 21.36
CA LEU A 58 -12.48 0.08 21.72
C LEU A 58 -12.69 1.56 21.38
N LYS A 59 -13.43 2.27 22.25
CA LYS A 59 -13.72 3.73 22.15
C LYS A 59 -12.84 4.47 23.17
N HIS A 60 -11.93 5.31 22.67
CA HIS A 60 -10.85 5.99 23.43
C HIS A 60 -10.18 7.00 22.52
N LYS A 61 -9.91 8.21 23.01
CA LYS A 61 -9.46 9.35 22.17
C LYS A 61 -8.09 9.04 21.55
N ASN A 62 -7.39 7.99 21.98
CA ASN A 62 -6.04 7.57 21.50
C ASN A 62 -6.13 6.25 20.71
N ILE A 63 -7.31 5.87 20.24
CA ILE A 63 -7.55 4.75 19.29
C ILE A 63 -8.42 5.25 18.14
N VAL A 64 -8.04 4.96 16.90
CA VAL A 64 -8.74 5.49 15.70
C VAL A 64 -10.20 5.08 15.84
N ARG A 65 -11.13 6.01 15.66
CA ARG A 65 -12.57 5.77 15.90
C ARG A 65 -13.21 5.21 14.62
N LEU A 66 -13.74 4.00 14.69
CA LEU A 66 -14.55 3.40 13.58
C LEU A 66 -15.98 3.94 13.70
N HIS A 67 -16.41 4.78 12.76
CA HIS A 67 -17.71 5.50 12.85
C HIS A 67 -18.81 4.54 12.40
N ASP A 68 -18.66 4.00 11.19
CA ASP A 68 -19.68 3.16 10.53
C ASP A 68 -18.98 2.17 9.58
N VAL A 69 -19.70 1.14 9.17
CA VAL A 69 -19.30 0.12 8.16
C VAL A 69 -20.40 0.01 7.12
N LEU A 70 -20.09 0.27 5.86
CA LEU A 70 -21.06 0.17 4.73
C LEU A 70 -20.73 -1.08 3.89
N HIS A 71 -21.75 -1.87 3.58
CA HIS A 71 -21.69 -2.94 2.57
C HIS A 71 -22.51 -2.49 1.37
N SER A 72 -21.86 -2.23 0.24
CA SER A 72 -22.48 -1.74 -1.02
C SER A 72 -21.56 -2.14 -2.18
N ASP A 73 -22.14 -2.42 -3.35
CA ASP A 73 -21.40 -2.94 -4.52
C ASP A 73 -20.93 -4.36 -4.15
N LYS A 74 -19.64 -4.63 -4.33
CA LYS A 74 -18.96 -5.89 -3.93
C LYS A 74 -17.78 -5.45 -3.07
N LYS A 75 -18.03 -4.48 -2.18
CA LYS A 75 -17.00 -3.85 -1.30
C LYS A 75 -17.55 -3.68 0.11
N LEU A 76 -16.66 -3.76 1.10
CA LEU A 76 -16.88 -3.26 2.48
C LEU A 76 -16.24 -1.87 2.53
N THR A 77 -16.89 -0.90 3.18
CA THR A 77 -16.29 0.44 3.43
C THR A 77 -16.35 0.72 4.93
N LEU A 78 -15.19 0.77 5.58
CA LEU A 78 -15.06 1.18 7.00
C LEU A 78 -14.87 2.69 7.02
N VAL A 79 -15.71 3.39 7.79
CA VAL A 79 -15.68 4.88 7.90
C VAL A 79 -14.99 5.23 9.22
N PHE A 80 -13.78 5.77 9.09
CA PHE A 80 -12.91 6.21 10.19
C PHE A 80 -12.96 7.74 10.25
N GLU A 81 -12.85 8.29 11.47
CA GLU A 81 -12.38 9.67 11.72
C GLU A 81 -11.16 9.92 10.83
N PHE A 82 -10.95 11.14 10.34
CA PHE A 82 -9.79 11.46 9.45
C PHE A 82 -8.66 12.05 10.27
N CYS A 83 -7.42 11.63 10.01
CA CYS A 83 -6.18 12.13 10.69
C CYS A 83 -5.25 12.75 9.65
N ASP A 84 -4.36 13.65 10.08
CA ASP A 84 -3.57 14.52 9.18
C ASP A 84 -2.48 13.72 8.48
N GLN A 85 -1.78 12.86 9.22
CA GLN A 85 -0.66 12.04 8.71
C GLN A 85 -0.48 10.83 9.63
N ASP A 86 0.54 10.03 9.36
CA ASP A 86 1.04 8.98 10.29
C ASP A 86 2.38 9.49 10.86
N LEU A 87 2.94 8.78 11.84
CA LEU A 87 4.23 9.13 12.49
C LEU A 87 5.38 8.91 11.48
N LYS A 88 5.21 8.00 10.51
CA LYS A 88 6.19 7.73 9.43
C LYS A 88 6.41 9.00 8.62
N LYS A 89 5.34 9.65 8.17
CA LYS A 89 5.39 10.89 7.34
C LYS A 89 5.75 12.09 8.23
N TYR A 90 5.56 12.01 9.54
CA TYR A 90 5.94 13.07 10.51
C TYR A 90 7.47 13.13 10.61
N PHE A 91 8.12 11.98 10.75
CA PHE A 91 9.60 11.83 10.84
C PHE A 91 10.23 12.42 9.58
N ASP A 92 9.71 12.05 8.42
CA ASP A 92 10.10 12.59 7.10
C ASP A 92 9.93 14.11 7.13
N SER A 93 8.79 14.58 7.65
CA SER A 93 8.30 16.00 7.62
C SER A 93 9.23 16.92 8.41
N CYS A 94 9.87 16.41 9.46
CA CYS A 94 10.59 17.22 10.48
C CYS A 94 12.05 16.78 10.62
N ASN A 95 12.62 16.14 9.60
CA ASN A 95 14.05 15.75 9.54
C ASN A 95 14.38 14.74 10.66
N GLY A 96 13.39 13.91 11.00
CA GLY A 96 13.41 12.91 12.10
C GLY A 96 13.73 13.50 13.47
N ASP A 97 13.72 14.83 13.60
CA ASP A 97 14.31 15.56 14.76
C ASP A 97 13.20 16.24 15.57
N LEU A 98 12.76 15.62 16.67
CA LEU A 98 11.57 16.03 17.47
C LEU A 98 11.99 16.84 18.69
N ASP A 99 11.10 17.71 19.17
CA ASP A 99 11.19 18.40 20.49
C ASP A 99 10.97 17.38 21.61
N PRO A 100 11.86 17.30 22.62
CA PRO A 100 11.68 16.37 23.75
C PRO A 100 10.28 16.28 24.39
N GLU A 101 9.48 17.36 24.29
CA GLU A 101 8.10 17.42 24.83
C GLU A 101 7.13 16.73 23.87
N ILE A 102 7.33 16.84 22.55
CA ILE A 102 6.54 16.09 21.53
C ILE A 102 6.82 14.59 21.72
N VAL A 103 8.11 14.20 21.79
CA VAL A 103 8.53 12.80 22.10
C VAL A 103 7.70 12.30 23.28
N LYS A 104 7.71 13.04 24.40
CA LYS A 104 7.04 12.69 25.68
C LYS A 104 5.51 12.61 25.48
N SER A 105 4.95 13.55 24.69
CA SER A 105 3.51 13.66 24.40
C SER A 105 3.03 12.42 23.63
N PHE A 106 3.73 12.06 22.54
CA PHE A 106 3.34 10.93 21.64
C PHE A 106 3.40 9.60 22.41
N LEU A 107 4.48 9.35 23.16
CA LEU A 107 4.63 8.08 23.91
C LEU A 107 3.50 7.94 24.93
N PHE A 108 3.14 9.03 25.60
CA PHE A 108 2.06 9.11 26.61
C PHE A 108 0.75 8.64 25.96
N GLN A 109 0.36 9.31 24.89
CA GLN A 109 -0.90 9.01 24.17
C GLN A 109 -0.88 7.55 23.69
N LEU A 110 0.28 7.06 23.24
CA LEU A 110 0.44 5.66 22.74
C LEU A 110 0.14 4.70 23.90
N LEU A 111 0.70 4.95 25.10
CA LEU A 111 0.56 4.06 26.28
C LEU A 111 -0.87 4.11 26.85
N LYS A 112 -1.56 5.25 26.74
CA LYS A 112 -2.98 5.39 27.19
C LYS A 112 -3.87 4.48 26.33
N GLY A 113 -3.78 4.64 25.00
CA GLY A 113 -4.50 3.83 24.01
C GLY A 113 -4.14 2.35 24.09
N LEU A 114 -2.89 2.05 24.44
CA LEU A 114 -2.37 0.65 24.54
C LEU A 114 -2.83 0.03 25.87
N GLY A 115 -2.72 0.77 26.99
CA GLY A 115 -3.22 0.35 28.31
C GLY A 115 -4.73 0.16 28.31
N PHE A 116 -5.44 0.90 27.48
CA PHE A 116 -6.90 0.76 27.27
C PHE A 116 -7.19 -0.58 26.59
N CYS A 117 -6.51 -0.85 25.46
CA CYS A 117 -6.60 -2.13 24.71
C CYS A 117 -6.39 -3.32 25.65
N HIS A 118 -5.27 -3.33 26.35
CA HIS A 118 -4.86 -4.43 27.25
C HIS A 118 -5.94 -4.64 28.32
N SER A 119 -6.39 -3.56 28.96
CA SER A 119 -7.49 -3.59 29.97
C SER A 119 -8.76 -4.22 29.38
N ARG A 120 -9.07 -3.94 28.11
CA ARG A 120 -10.22 -4.52 27.37
C ARG A 120 -9.86 -5.90 26.79
N ASN A 121 -8.68 -6.45 27.11
CA ASN A 121 -8.23 -7.82 26.74
C ASN A 121 -8.04 -7.94 25.24
N VAL A 122 -7.36 -6.97 24.64
CA VAL A 122 -7.05 -6.96 23.18
C VAL A 122 -5.55 -6.76 23.03
N LEU A 123 -4.87 -7.62 22.26
CA LEU A 123 -3.47 -7.44 21.81
C LEU A 123 -3.51 -6.76 20.44
N HIS A 124 -2.66 -5.76 20.23
CA HIS A 124 -2.58 -4.99 18.97
C HIS A 124 -1.78 -5.81 17.94
N ARG A 125 -0.54 -6.14 18.27
CA ARG A 125 0.35 -7.07 17.52
C ARG A 125 0.79 -6.49 16.16
N ASP A 126 0.65 -5.17 15.94
CA ASP A 126 1.14 -4.50 14.71
C ASP A 126 1.46 -3.03 14.99
N LEU A 127 2.17 -2.73 16.09
CA LEU A 127 2.71 -1.37 16.36
C LEU A 127 3.85 -1.07 15.40
N LYS A 128 3.78 0.09 14.74
CA LYS A 128 4.84 0.65 13.88
C LYS A 128 4.39 2.06 13.52
N PRO A 129 5.30 2.95 13.07
CA PRO A 129 4.95 4.35 12.86
C PRO A 129 3.73 4.57 11.96
N GLN A 130 3.53 3.74 10.94
CA GLN A 130 2.44 3.87 9.92
C GLN A 130 1.07 3.62 10.55
N ASN A 131 1.03 2.93 11.70
CA ASN A 131 -0.21 2.59 12.43
C ASN A 131 -0.44 3.59 13.56
N LEU A 132 0.44 4.59 13.69
CA LEU A 132 0.27 5.75 14.60
C LEU A 132 -0.17 6.97 13.80
N LEU A 133 -1.46 7.32 13.91
CA LEU A 133 -2.05 8.49 13.22
C LEU A 133 -1.80 9.74 14.08
N ILE A 134 -1.35 10.83 13.45
CA ILE A 134 -0.93 12.12 14.08
C ILE A 134 -1.80 13.23 13.51
N ASN A 135 -2.45 14.03 14.36
CA ASN A 135 -3.19 15.26 13.98
C ASN A 135 -2.29 16.47 14.20
N ARG A 136 -2.64 17.62 13.61
CA ARG A 136 -1.86 18.89 13.68
C ARG A 136 -1.85 19.43 15.11
N ASN A 137 -2.93 19.20 15.86
CA ASN A 137 -3.11 19.65 17.27
C ASN A 137 -2.25 18.81 18.21
N GLY A 138 -1.59 17.77 17.69
CA GLY A 138 -0.61 16.93 18.42
C GLY A 138 -1.21 15.63 18.94
N GLU A 139 -2.48 15.35 18.63
CA GLU A 139 -3.18 14.12 19.07
C GLU A 139 -2.63 12.91 18.30
N LEU A 140 -2.40 11.79 19.00
CA LEU A 140 -1.89 10.52 18.43
C LEU A 140 -2.93 9.43 18.67
N LYS A 141 -3.20 8.60 17.64
CA LYS A 141 -4.15 7.47 17.71
C LYS A 141 -3.44 6.20 17.27
N LEU A 142 -3.58 5.14 18.05
CA LEU A 142 -3.27 3.75 17.65
C LEU A 142 -4.32 3.29 16.61
N ALA A 143 -3.88 2.89 15.41
CA ALA A 143 -4.75 2.46 14.28
C ALA A 143 -4.32 1.08 13.77
N ASP A 144 -5.12 0.51 12.87
CA ASP A 144 -4.85 -0.77 12.15
C ASP A 144 -4.89 -1.95 13.13
N PHE A 145 -6.09 -2.48 13.39
CA PHE A 145 -6.34 -3.66 14.25
C PHE A 145 -6.61 -4.88 13.37
N GLY A 146 -5.97 -4.93 12.20
CA GLY A 146 -6.03 -6.05 11.24
C GLY A 146 -5.47 -7.32 11.83
N LEU A 147 -4.37 -7.21 12.58
CA LEU A 147 -3.62 -8.34 13.19
C LEU A 147 -3.91 -8.47 14.69
N ALA A 148 -4.71 -7.57 15.26
CA ALA A 148 -5.09 -7.60 16.70
C ALA A 148 -5.93 -8.84 16.97
N ARG A 149 -5.88 -9.37 18.19
CA ARG A 149 -6.80 -10.44 18.67
C ARG A 149 -7.08 -10.27 20.16
N ALA A 150 -8.26 -10.74 20.57
CA ALA A 150 -8.73 -10.82 21.97
C ALA A 150 -8.01 -12.00 22.64
N PHE A 151 -7.72 -11.90 23.94
CA PHE A 151 -7.09 -12.98 24.72
C PHE A 151 -7.86 -13.21 26.03
N GLY A 152 -7.65 -14.38 26.61
CA GLY A 152 -8.20 -14.79 27.92
C GLY A 152 -8.54 -16.28 27.96
N ILE A 153 -9.05 -16.82 26.84
CA ILE A 153 -9.40 -18.26 26.70
C ILE A 153 -8.12 -19.05 26.57
N PRO A 154 -7.86 -20.05 27.44
CA PRO A 154 -6.68 -20.90 27.32
C PRO A 154 -6.51 -21.48 25.90
N VAL A 155 -5.34 -21.26 25.28
CA VAL A 155 -4.99 -21.79 23.93
C VAL A 155 -3.68 -22.57 24.04
N ARG A 156 -3.46 -23.53 23.13
CA ARG A 156 -2.15 -24.21 22.91
C ARG A 156 -1.09 -23.13 22.65
N CYS A 157 -1.40 -22.19 21.76
CA CYS A 157 -0.48 -21.13 21.30
C CYS A 157 -1.23 -20.09 20.47
N TYR A 158 -0.62 -18.92 20.25
CA TYR A 158 -1.00 -17.96 19.19
C TYR A 158 -0.13 -18.24 17.95
N SER A 159 -0.12 -17.31 17.00
CA SER A 159 0.79 -17.30 15.83
C SER A 159 2.09 -16.61 16.25
N ALA A 160 3.24 -17.11 15.78
CA ALA A 160 4.57 -16.47 15.91
C ALA A 160 4.77 -15.49 14.74
N GLU A 161 3.95 -15.61 13.70
CA GLU A 161 4.01 -14.80 12.46
C GLU A 161 3.17 -13.54 12.69
N VAL A 162 3.56 -12.74 13.68
CA VAL A 162 2.84 -11.53 14.19
C VAL A 162 3.88 -10.46 14.49
N VAL A 163 3.54 -9.20 14.22
CA VAL A 163 4.41 -8.00 14.38
C VAL A 163 5.47 -8.04 13.28
N THR A 164 5.67 -6.92 12.59
CA THR A 164 6.72 -6.78 11.54
C THR A 164 8.08 -6.94 12.21
N LEU A 165 9.02 -7.62 11.55
CA LEU A 165 10.33 -8.05 12.08
C LEU A 165 10.96 -7.00 13.00
N TRP A 166 11.04 -5.73 12.60
CA TRP A 166 11.83 -4.71 13.32
C TRP A 166 11.24 -4.40 14.70
N TYR A 167 9.98 -4.77 14.96
CA TYR A 167 9.25 -4.44 16.20
C TYR A 167 8.82 -5.68 17.00
N ARG A 168 9.37 -6.86 16.66
CA ARG A 168 8.97 -8.16 17.24
C ARG A 168 9.88 -8.49 18.43
N PRO A 169 9.34 -8.83 19.60
CA PRO A 169 10.15 -9.05 20.79
C PRO A 169 10.89 -10.39 20.78
N PRO A 170 11.99 -10.55 21.54
CA PRO A 170 12.88 -11.70 21.40
C PRO A 170 12.17 -13.04 21.66
N ASP A 171 11.25 -13.08 22.61
CA ASP A 171 10.50 -14.32 22.95
C ASP A 171 9.78 -14.82 21.68
N VAL A 172 9.19 -13.93 20.89
CA VAL A 172 8.45 -14.27 19.64
C VAL A 172 9.44 -14.66 18.54
N LEU A 173 10.59 -13.99 18.46
CA LEU A 173 11.68 -14.35 17.50
C LEU A 173 12.19 -15.76 17.80
N PHE A 174 12.17 -16.16 19.08
CA PHE A 174 12.59 -17.50 19.58
C PHE A 174 11.42 -18.47 19.46
N GLY A 175 10.30 -18.02 18.90
CA GLY A 175 9.14 -18.85 18.48
C GLY A 175 8.24 -19.18 19.66
N ALA A 176 8.13 -18.28 20.62
CA ALA A 176 7.27 -18.46 21.81
C ALA A 176 5.85 -18.86 21.35
N LYS A 177 5.33 -19.96 21.92
CA LYS A 177 3.95 -20.47 21.68
C LYS A 177 2.92 -19.41 22.12
N LEU A 178 2.97 -19.05 23.39
CA LEU A 178 2.09 -18.04 24.02
C LEU A 178 2.90 -16.79 24.30
N TYR A 179 2.23 -15.63 24.27
CA TYR A 179 2.74 -14.31 24.72
C TYR A 179 1.53 -13.53 25.24
N SER A 180 1.77 -12.54 26.10
CA SER A 180 0.71 -11.73 26.77
C SER A 180 0.70 -10.30 26.19
N THR A 181 0.14 -9.35 26.95
CA THR A 181 0.16 -7.90 26.66
C THR A 181 1.61 -7.43 26.52
N SER A 182 2.58 -8.17 27.07
CA SER A 182 4.03 -7.82 26.99
C SER A 182 4.46 -7.59 25.54
N ILE A 183 3.80 -8.20 24.55
CA ILE A 183 4.21 -8.16 23.11
C ILE A 183 4.18 -6.71 22.60
N ASP A 184 3.14 -5.95 22.94
CA ASP A 184 2.94 -4.55 22.48
C ASP A 184 3.88 -3.62 23.23
N MET A 185 4.28 -4.00 24.45
CA MET A 185 5.14 -3.15 25.31
C MET A 185 6.57 -3.10 24.74
N TRP A 186 7.04 -4.16 24.10
CA TRP A 186 8.34 -4.17 23.38
C TRP A 186 8.27 -3.21 22.18
N SER A 187 7.26 -3.34 21.33
CA SER A 187 7.03 -2.49 20.14
C SER A 187 7.03 -1.01 20.60
N ALA A 188 6.39 -0.73 21.74
CA ALA A 188 6.29 0.63 22.34
C ALA A 188 7.68 1.18 22.63
N GLY A 189 8.56 0.31 23.16
CA GLY A 189 9.97 0.61 23.40
C GLY A 189 10.72 0.98 22.12
N CYS A 190 10.50 0.24 21.04
CA CYS A 190 11.15 0.44 19.72
C CYS A 190 10.76 1.80 19.13
N ILE A 191 9.46 2.10 19.16
CA ILE A 191 8.87 3.38 18.66
C ILE A 191 9.41 4.55 19.48
N PHE A 192 9.46 4.40 20.81
CA PHE A 192 10.01 5.40 21.78
C PHE A 192 11.44 5.80 21.40
N ALA A 193 12.30 4.81 21.10
CA ALA A 193 13.69 4.99 20.63
C ALA A 193 13.74 5.71 19.28
N GLU A 194 12.77 5.48 18.40
CA GLU A 194 12.69 6.19 17.09
C GLU A 194 12.42 7.67 17.34
N LEU A 195 11.41 7.98 18.16
CA LEU A 195 10.98 9.35 18.57
C LEU A 195 12.18 10.12 19.16
N ALA A 196 12.98 9.42 19.97
CA ALA A 196 14.07 9.95 20.82
C ALA A 196 15.39 10.03 20.07
N ASN A 197 15.46 9.58 18.81
CA ASN A 197 16.65 9.79 17.94
C ASN A 197 16.17 10.50 16.67
N ALA A 198 16.42 9.95 15.48
CA ALA A 198 16.21 10.63 14.19
C ALA A 198 15.03 10.00 13.44
N GLY A 199 14.08 9.44 14.19
CA GLY A 199 12.95 8.67 13.65
C GLY A 199 13.39 7.38 12.96
N ARG A 200 14.60 6.89 13.25
CA ARG A 200 15.20 5.73 12.55
C ARG A 200 15.08 4.47 13.42
N PRO A 201 14.73 3.31 12.80
CA PRO A 201 14.44 2.08 13.55
C PRO A 201 15.64 1.60 14.39
N LEU A 202 15.37 1.23 15.63
CA LEU A 202 16.43 0.86 16.60
C LEU A 202 17.09 -0.45 16.16
N PHE A 203 16.30 -1.47 15.82
CA PHE A 203 16.76 -2.83 15.45
C PHE A 203 16.28 -3.18 14.03
N PRO A 204 16.90 -2.63 12.95
CA PRO A 204 16.50 -2.95 11.59
C PRO A 204 17.16 -4.21 10.99
N GLY A 205 16.72 -5.40 11.40
CA GLY A 205 17.32 -6.69 10.97
C GLY A 205 16.82 -7.21 9.63
N ASN A 206 17.63 -8.00 8.92
CA ASN A 206 17.28 -8.58 7.58
C ASN A 206 16.46 -9.85 7.76
N ASP A 207 16.77 -10.63 8.79
CA ASP A 207 16.06 -11.90 9.12
C ASP A 207 15.94 -11.99 10.63
N VAL A 208 15.40 -13.10 11.13
CA VAL A 208 15.18 -13.36 12.57
C VAL A 208 16.53 -13.35 13.29
N ASP A 209 17.54 -14.01 12.70
CA ASP A 209 18.90 -14.18 13.28
C ASP A 209 19.55 -12.81 13.50
N ASP A 210 19.56 -11.97 12.46
CA ASP A 210 20.12 -10.59 12.45
C ASP A 210 19.36 -9.77 13.50
N GLN A 211 18.04 -9.93 13.56
CA GLN A 211 17.19 -9.19 14.52
C GLN A 211 17.65 -9.46 15.96
N LEU A 212 17.80 -10.74 16.33
CA LEU A 212 18.19 -11.18 17.71
C LEU A 212 19.63 -10.76 18.01
N LYS A 213 20.51 -10.82 17.02
CA LYS A 213 21.91 -10.35 17.13
C LYS A 213 21.90 -8.84 17.40
N ARG A 214 21.09 -8.06 16.68
CA ARG A 214 21.10 -6.57 16.82
C ARG A 214 20.57 -6.12 18.19
N ILE A 215 19.58 -6.83 18.74
CA ILE A 215 18.96 -6.56 20.07
C ILE A 215 19.97 -6.89 21.17
N PHE A 216 20.54 -8.09 21.16
CA PHE A 216 21.46 -8.57 22.23
C PHE A 216 22.75 -7.74 22.22
N ARG A 217 23.16 -7.24 21.05
CA ARG A 217 24.40 -6.43 20.86
C ARG A 217 24.28 -5.12 21.67
N LEU A 218 23.06 -4.54 21.71
CA LEU A 218 22.77 -3.26 22.41
C LEU A 218 22.41 -3.52 23.87
N LEU A 219 21.41 -4.38 24.12
CA LEU A 219 20.84 -4.63 25.46
C LEU A 219 21.64 -5.69 26.24
N GLY A 220 22.48 -6.45 25.55
CA GLY A 220 23.20 -7.60 26.13
C GLY A 220 22.40 -8.89 26.04
N THR A 221 23.06 -10.02 25.85
CA THR A 221 22.46 -11.37 25.78
C THR A 221 21.97 -11.73 27.18
N PRO A 222 20.66 -11.98 27.38
CA PRO A 222 20.14 -12.40 28.68
C PRO A 222 20.76 -13.68 29.22
N THR A 223 21.01 -13.70 30.54
CA THR A 223 21.53 -14.86 31.28
C THR A 223 20.37 -15.70 31.82
N GLU A 224 20.67 -16.92 32.28
CA GLU A 224 19.70 -17.87 32.88
C GLU A 224 19.09 -17.25 34.14
N GLU A 225 19.84 -16.40 34.85
CA GLU A 225 19.32 -15.61 36.01
C GLU A 225 18.20 -14.69 35.53
N GLN A 226 18.47 -13.90 34.49
CA GLN A 226 17.55 -12.87 33.93
C GLN A 226 16.36 -13.55 33.23
N TRP A 227 16.59 -14.65 32.53
CA TRP A 227 15.55 -15.27 31.66
C TRP A 227 15.73 -16.79 31.65
N PRO A 228 15.28 -17.49 32.71
CA PRO A 228 15.54 -18.93 32.84
C PRO A 228 15.02 -19.75 31.65
N SER A 229 13.78 -19.51 31.21
CA SER A 229 13.07 -20.35 30.20
C SER A 229 13.61 -20.11 28.79
N MET A 230 14.49 -19.12 28.58
CA MET A 230 14.97 -18.69 27.24
C MET A 230 15.42 -19.91 26.43
N THR A 231 16.29 -20.74 27.01
CA THR A 231 16.98 -21.87 26.31
C THR A 231 16.00 -23.01 26.03
N LYS A 232 14.77 -22.94 26.56
CA LYS A 232 13.76 -24.01 26.37
C LYS A 232 12.77 -23.62 25.26
N LEU A 233 12.92 -22.44 24.65
CA LEU A 233 11.94 -21.90 23.67
C LEU A 233 12.10 -22.63 22.33
N PRO A 234 11.00 -22.90 21.60
CA PRO A 234 11.03 -23.80 20.43
C PRO A 234 12.13 -23.50 19.39
N ASP A 235 12.30 -22.25 19.00
CA ASP A 235 13.28 -21.83 17.96
C ASP A 235 14.49 -21.17 18.63
N TYR A 236 14.78 -21.52 19.88
CA TYR A 236 16.02 -21.09 20.58
C TYR A 236 17.25 -21.74 19.94
N LYS A 237 18.29 -20.94 19.68
CA LYS A 237 19.65 -21.41 19.34
C LYS A 237 20.66 -20.50 20.03
N PRO A 238 21.81 -21.02 20.50
CA PRO A 238 22.79 -20.22 21.24
C PRO A 238 23.27 -18.99 20.47
N TYR A 239 23.28 -17.83 21.14
CA TYR A 239 23.79 -16.53 20.62
C TYR A 239 25.04 -16.18 21.39
N PRO A 240 25.92 -15.32 20.83
CA PRO A 240 27.07 -14.82 21.58
C PRO A 240 26.62 -14.13 22.86
N MET A 241 27.39 -14.29 23.95
CA MET A 241 27.22 -13.51 25.21
C MET A 241 27.69 -12.07 24.93
N TYR A 242 26.79 -11.21 24.47
CA TYR A 242 27.07 -9.75 24.29
C TYR A 242 26.93 -9.08 25.66
N PRO A 243 27.83 -8.13 26.02
CA PRO A 243 27.81 -7.55 27.36
C PRO A 243 26.58 -6.66 27.61
N ALA A 244 26.25 -6.45 28.88
CA ALA A 244 25.10 -5.64 29.37
C ALA A 244 25.57 -4.23 29.77
N THR A 245 26.77 -3.83 29.34
CA THR A 245 27.46 -2.58 29.73
C THR A 245 27.37 -1.53 28.61
N THR A 246 26.84 -1.89 27.44
CA THR A 246 26.80 -1.01 26.23
C THR A 246 25.89 0.19 26.54
N SER A 247 26.42 1.41 26.48
CA SER A 247 25.70 2.67 26.81
C SER A 247 24.49 2.86 25.89
N LEU A 248 23.41 3.46 26.39
CA LEU A 248 22.18 3.83 25.61
C LEU A 248 22.22 5.31 25.23
N VAL A 249 23.23 6.06 25.69
CA VAL A 249 23.26 7.54 25.61
C VAL A 249 23.35 7.97 24.13
N ASN A 250 24.21 7.31 23.35
CA ASN A 250 24.45 7.63 21.91
C ASN A 250 23.29 7.12 21.04
N VAL A 251 22.51 6.14 21.51
CA VAL A 251 21.39 5.53 20.75
C VAL A 251 20.14 6.41 20.87
N VAL A 252 19.90 6.99 22.04
CA VAL A 252 18.79 7.97 22.30
C VAL A 252 19.38 9.21 22.95
N PRO A 253 19.99 10.11 22.15
CA PRO A 253 20.59 11.32 22.69
C PRO A 253 19.60 12.45 23.03
N LYS A 254 18.29 12.28 22.79
CA LYS A 254 17.23 13.27 23.14
C LYS A 254 16.72 13.02 24.56
N LEU A 255 17.05 11.88 25.17
CA LEU A 255 16.46 11.42 26.46
C LEU A 255 17.41 11.72 27.63
N ASN A 256 16.88 12.27 28.72
CA ASN A 256 17.55 12.34 30.04
C ASN A 256 17.50 10.94 30.67
N ALA A 257 18.20 10.72 31.78
CA ALA A 257 18.34 9.41 32.47
C ALA A 257 16.95 8.80 32.73
N THR A 258 15.94 9.65 32.95
CA THR A 258 14.55 9.27 33.27
C THR A 258 13.90 8.62 32.04
N GLY A 259 13.91 9.32 30.91
CA GLY A 259 13.53 8.75 29.60
C GLY A 259 14.21 7.42 29.39
N ARG A 260 15.53 7.36 29.59
CA ARG A 260 16.37 6.16 29.32
C ARG A 260 15.98 5.00 30.26
N ASP A 261 15.51 5.29 31.47
CA ASP A 261 15.13 4.26 32.46
C ASP A 261 13.80 3.63 32.01
N LEU A 262 12.87 4.44 31.52
CA LEU A 262 11.57 3.94 30.96
C LEU A 262 11.89 3.04 29.76
N LEU A 263 12.72 3.51 28.83
CA LEU A 263 13.10 2.75 27.62
C LEU A 263 13.59 1.35 28.02
N GLN A 264 14.39 1.23 29.07
CA GLN A 264 15.01 -0.05 29.49
C GLN A 264 13.96 -0.95 30.14
N ASN A 265 12.89 -0.38 30.68
CA ASN A 265 11.81 -1.17 31.32
C ASN A 265 10.89 -1.73 30.23
N LEU A 266 10.76 -1.01 29.12
CA LEU A 266 9.94 -1.42 27.95
C LEU A 266 10.67 -2.52 27.16
N LEU A 267 11.99 -2.44 27.07
CA LEU A 267 12.86 -3.32 26.22
C LEU A 267 13.59 -4.35 27.08
N LYS A 268 12.92 -4.98 28.05
CA LYS A 268 13.43 -6.21 28.72
C LYS A 268 13.11 -7.40 27.80
N CYS A 269 14.12 -8.17 27.42
CA CYS A 269 13.98 -9.38 26.56
C CYS A 269 12.95 -10.34 27.16
N ASN A 270 13.07 -10.66 28.45
CA ASN A 270 12.19 -11.60 29.18
C ASN A 270 10.82 -10.93 29.35
N PRO A 271 9.77 -11.37 28.61
CA PRO A 271 8.49 -10.67 28.59
C PRO A 271 7.86 -10.43 29.96
N VAL A 272 8.19 -11.26 30.95
CA VAL A 272 7.57 -11.24 32.30
C VAL A 272 7.97 -9.96 33.02
N GLN A 273 9.16 -9.43 32.72
CA GLN A 273 9.77 -8.26 33.41
C GLN A 273 9.45 -6.99 32.63
N ARG A 274 8.78 -7.09 31.49
CA ARG A 274 8.42 -5.91 30.67
C ARG A 274 7.34 -5.09 31.41
N ILE A 275 7.68 -3.85 31.77
CA ILE A 275 6.75 -2.83 32.34
C ILE A 275 5.45 -2.83 31.52
N SER A 276 4.31 -2.71 32.19
CA SER A 276 2.98 -2.62 31.54
C SER A 276 2.65 -1.15 31.21
N ALA A 277 1.68 -0.91 30.34
CA ALA A 277 1.14 0.43 29.98
C ALA A 277 0.72 1.19 31.24
N GLU A 278 0.01 0.53 32.16
CA GLU A 278 -0.50 1.08 33.45
C GLU A 278 0.70 1.57 34.28
N GLU A 279 1.67 0.69 34.50
CA GLU A 279 2.91 0.94 35.27
C GLU A 279 3.74 2.04 34.60
N ALA A 280 3.81 2.05 33.27
CA ALA A 280 4.60 3.02 32.47
C ALA A 280 4.07 4.44 32.67
N LEU A 281 2.75 4.58 32.75
CA LEU A 281 2.08 5.90 32.86
C LEU A 281 2.33 6.51 34.24
N GLN A 282 2.65 5.70 35.26
CA GLN A 282 3.00 6.16 36.62
C GLN A 282 4.51 6.49 36.71
N HIS A 283 5.29 6.23 35.65
CA HIS A 283 6.76 6.41 35.63
C HIS A 283 7.11 7.89 35.85
N PRO A 284 8.18 8.21 36.62
CA PRO A 284 8.69 9.57 36.73
C PRO A 284 8.84 10.37 35.42
N TYR A 285 9.04 9.71 34.28
CA TYR A 285 9.22 10.37 32.96
C TYR A 285 7.97 11.18 32.63
N PHE A 286 6.81 10.87 33.25
CA PHE A 286 5.49 11.48 32.95
C PHE A 286 4.98 12.38 34.09
N SER A 287 5.74 12.57 35.18
CA SER A 287 5.43 13.57 36.24
C SER A 287 5.57 14.97 35.64
N ASP A 288 4.87 15.96 36.21
CA ASP A 288 5.07 17.40 35.91
C ASP A 288 6.32 17.89 36.64
N PHE A 289 6.86 17.06 37.54
CA PHE A 289 8.13 17.26 38.29
C PHE A 289 9.34 17.06 37.37
N CYS A 290 9.32 16.00 36.55
CA CYS A 290 10.43 15.55 35.64
C CYS A 290 11.11 16.74 34.98
N PRO A 291 12.47 16.79 34.93
CA PRO A 291 13.19 17.97 34.46
C PRO A 291 13.08 18.19 32.94
N LYS B 3 -0.52 -20.41 -12.12
CA LYS B 3 0.81 -20.60 -12.79
C LYS B 3 1.92 -19.87 -12.02
N TYR B 4 1.54 -19.02 -11.05
CA TYR B 4 2.45 -18.40 -10.06
C TYR B 4 1.86 -18.57 -8.64
N GLU B 5 2.75 -18.87 -7.68
CA GLU B 5 2.43 -19.04 -6.23
C GLU B 5 2.76 -17.74 -5.49
N LYS B 6 1.76 -17.10 -4.90
CA LYS B 6 1.87 -15.85 -4.10
C LYS B 6 2.64 -16.15 -2.82
N LEU B 7 3.55 -15.25 -2.42
CA LEU B 7 4.26 -15.27 -1.12
C LEU B 7 3.74 -14.11 -0.25
N GLU B 8 3.55 -12.92 -0.83
CA GLU B 8 3.19 -11.67 -0.10
C GLU B 8 2.97 -10.53 -1.09
N VAL B 18 0.66 -5.86 -4.96
CA VAL B 18 2.02 -6.15 -5.51
C VAL B 18 2.74 -7.16 -4.60
N PHE B 19 2.90 -8.39 -5.07
CA PHE B 19 3.36 -9.56 -4.28
C PHE B 19 4.75 -10.01 -4.77
N LYS B 20 5.54 -10.59 -3.86
CA LYS B 20 6.63 -11.56 -4.20
C LYS B 20 5.94 -12.84 -4.68
N ALA B 21 6.50 -13.53 -5.68
CA ALA B 21 5.89 -14.73 -6.28
C ALA B 21 6.95 -15.72 -6.78
N LYS B 22 6.50 -16.94 -7.02
CA LYS B 22 7.28 -18.13 -7.47
C LYS B 22 6.57 -18.72 -8.69
N ASN B 23 7.28 -18.97 -9.80
CA ASN B 23 6.71 -19.61 -11.01
C ASN B 23 6.53 -21.11 -10.72
N ARG B 24 5.33 -21.64 -10.88
CA ARG B 24 5.00 -23.06 -10.54
C ARG B 24 5.78 -24.01 -11.46
N GLU B 25 5.97 -23.67 -12.73
CA GLU B 25 6.67 -24.52 -13.73
C GLU B 25 8.19 -24.48 -13.46
N THR B 26 8.77 -23.28 -13.46
CA THR B 26 10.23 -23.02 -13.59
C THR B 26 10.87 -22.70 -12.22
N HIS B 27 10.08 -22.33 -11.21
CA HIS B 27 10.50 -22.07 -9.81
C HIS B 27 11.39 -20.80 -9.72
N GLU B 28 11.29 -19.92 -10.71
CA GLU B 28 11.95 -18.58 -10.72
C GLU B 28 11.25 -17.66 -9.71
N ILE B 29 12.02 -16.90 -8.93
CA ILE B 29 11.53 -15.88 -7.94
C ILE B 29 11.29 -14.56 -8.69
N VAL B 30 10.03 -14.13 -8.80
CA VAL B 30 9.61 -12.92 -9.55
C VAL B 30 8.88 -11.98 -8.59
N ALA B 31 8.36 -10.86 -9.11
CA ALA B 31 7.44 -9.91 -8.43
C ALA B 31 6.20 -9.73 -9.31
N LEU B 32 4.99 -9.73 -8.70
CA LEU B 32 3.68 -9.64 -9.40
C LEU B 32 2.93 -8.37 -8.99
N LYS B 33 2.46 -7.59 -9.97
CA LYS B 33 1.53 -6.45 -9.77
C LYS B 33 0.16 -6.85 -10.33
N ARG B 34 -0.89 -6.85 -9.51
CA ARG B 34 -2.27 -7.14 -9.97
C ARG B 34 -3.01 -5.83 -10.28
N VAL B 35 -3.63 -5.77 -11.47
CA VAL B 35 -4.40 -4.60 -12.03
C VAL B 35 -5.85 -5.03 -12.33
N ARG B 36 -6.85 -4.38 -11.74
CA ARG B 36 -8.31 -4.59 -11.98
C ARG B 36 -8.77 -3.85 -13.24
N LEU B 37 -9.76 -4.39 -13.97
CA LEU B 37 -10.16 -3.88 -15.31
C LEU B 37 -11.58 -3.30 -15.29
N ASP B 38 -12.21 -3.15 -14.13
CA ASP B 38 -13.64 -2.75 -14.04
C ASP B 38 -13.78 -1.22 -14.20
N ASP B 39 -12.67 -0.47 -14.09
CA ASP B 39 -12.66 1.02 -14.09
C ASP B 39 -13.41 1.51 -12.85
N ASP B 40 -13.11 0.90 -11.69
CA ASP B 40 -13.57 1.34 -10.35
C ASP B 40 -12.93 2.69 -10.03
N ASP B 41 -11.71 2.92 -10.51
CA ASP B 41 -10.91 4.15 -10.27
C ASP B 41 -10.40 4.69 -11.61
N GLU B 42 -10.85 5.90 -12.00
CA GLU B 42 -10.18 6.85 -12.93
C GLU B 42 -9.49 6.14 -14.10
N GLY B 43 -10.09 5.11 -14.69
CA GLY B 43 -9.49 4.36 -15.81
C GLY B 43 -8.06 3.94 -15.49
N VAL B 44 -7.91 3.16 -14.41
CA VAL B 44 -6.64 2.50 -13.99
C VAL B 44 -6.01 1.80 -15.19
N PRO B 45 -6.76 0.98 -15.96
CA PRO B 45 -6.28 0.36 -17.19
C PRO B 45 -5.38 1.26 -18.06
N SER B 46 -5.91 2.43 -18.45
CA SER B 46 -5.21 3.45 -19.30
C SER B 46 -3.73 3.53 -18.94
N SER B 47 -3.44 3.75 -17.66
CA SER B 47 -2.06 3.93 -17.11
C SER B 47 -1.29 2.61 -17.22
N ALA B 48 -1.93 1.50 -16.86
CA ALA B 48 -1.33 0.15 -16.83
C ALA B 48 -0.79 -0.20 -18.23
N LEU B 49 -1.61 -0.02 -19.28
CA LEU B 49 -1.21 -0.51 -20.63
C LEU B 49 -0.10 0.39 -21.20
N ARG B 50 -0.05 1.68 -20.82
CA ARG B 50 1.06 2.59 -21.16
C ARG B 50 2.36 2.05 -20.54
N GLU B 51 2.32 1.65 -19.26
CA GLU B 51 3.50 1.05 -18.55
C GLU B 51 4.05 -0.14 -19.35
N ILE B 52 3.16 -0.93 -19.96
CA ILE B 52 3.55 -2.16 -20.71
C ILE B 52 4.24 -1.73 -22.01
N CYS B 53 3.64 -0.81 -22.77
CA CYS B 53 4.19 -0.30 -24.07
C CYS B 53 5.61 0.26 -23.90
N LEU B 54 5.93 0.83 -22.74
CA LEU B 54 7.19 1.57 -22.49
C LEU B 54 8.29 0.61 -22.00
N LEU B 55 7.95 -0.28 -21.05
CA LEU B 55 8.91 -1.21 -20.40
C LEU B 55 9.35 -2.30 -21.39
N LYS B 56 8.53 -2.59 -22.40
CA LYS B 56 8.85 -3.53 -23.50
C LYS B 56 9.95 -2.94 -24.39
N GLU B 57 10.19 -1.63 -24.30
CA GLU B 57 11.18 -0.88 -25.10
C GLU B 57 12.22 -0.22 -24.18
N LEU B 58 12.36 -0.70 -22.93
CA LEU B 58 13.33 -0.16 -21.93
C LEU B 58 14.04 -1.32 -21.20
N LYS B 59 14.99 -1.93 -21.90
CA LYS B 59 15.85 -3.06 -21.44
C LYS B 59 17.23 -2.53 -21.09
N HIS B 60 17.61 -2.61 -19.81
CA HIS B 60 18.81 -1.97 -19.20
C HIS B 60 18.93 -2.42 -17.75
N LYS B 61 20.14 -2.73 -17.29
CA LYS B 61 20.38 -3.39 -15.96
C LYS B 61 19.91 -2.48 -14.82
N ASN B 62 19.76 -1.18 -15.07
CA ASN B 62 19.36 -0.15 -14.06
C ASN B 62 17.88 0.20 -14.23
N ILE B 63 17.09 -0.66 -14.88
CA ILE B 63 15.61 -0.50 -15.06
C ILE B 63 14.94 -1.85 -14.74
N VAL B 64 13.87 -1.83 -13.94
CA VAL B 64 13.12 -3.07 -13.59
C VAL B 64 12.73 -3.76 -14.91
N ARG B 65 13.02 -5.06 -15.03
CA ARG B 65 12.70 -5.86 -16.24
C ARG B 65 11.25 -6.38 -16.15
N LEU B 66 10.38 -5.99 -17.06
CA LEU B 66 9.03 -6.59 -17.21
C LEU B 66 9.15 -7.89 -18.02
N HIS B 67 8.93 -9.04 -17.37
CA HIS B 67 9.21 -10.38 -17.95
C HIS B 67 8.05 -10.81 -18.85
N ASP B 68 6.81 -10.68 -18.37
CA ASP B 68 5.59 -10.98 -19.16
C ASP B 68 4.39 -10.27 -18.53
N VAL B 69 3.26 -10.26 -19.25
CA VAL B 69 1.95 -9.67 -18.87
C VAL B 69 0.87 -10.73 -19.10
N LEU B 70 0.10 -11.07 -18.06
CA LEU B 70 -0.99 -12.08 -18.11
C LEU B 70 -2.36 -11.39 -18.02
N HIS B 71 -3.31 -11.84 -18.81
CA HIS B 71 -4.76 -11.51 -18.70
C HIS B 71 -5.49 -12.75 -18.17
N SER B 72 -6.11 -12.66 -17.00
CA SER B 72 -6.91 -13.75 -16.37
C SER B 72 -8.05 -13.16 -15.54
N ASP B 73 -9.24 -13.74 -15.61
CA ASP B 73 -10.44 -13.27 -14.85
C ASP B 73 -10.84 -11.91 -15.44
N LYS B 74 -10.96 -10.86 -14.62
CA LYS B 74 -11.11 -9.45 -15.08
C LYS B 74 -9.97 -8.65 -14.46
N LYS B 75 -8.79 -9.28 -14.37
CA LYS B 75 -7.57 -8.72 -13.71
C LYS B 75 -6.35 -9.01 -14.60
N LEU B 76 -5.47 -8.02 -14.71
CA LEU B 76 -4.20 -8.09 -15.47
C LEU B 76 -3.06 -8.33 -14.48
N THR B 77 -2.03 -9.08 -14.87
CA THR B 77 -0.88 -9.44 -14.01
C THR B 77 0.42 -9.12 -14.74
N LEU B 78 1.21 -8.19 -14.21
CA LEU B 78 2.57 -7.87 -14.72
C LEU B 78 3.56 -8.75 -13.96
N VAL B 79 4.42 -9.47 -14.68
CA VAL B 79 5.51 -10.29 -14.06
C VAL B 79 6.84 -9.53 -14.18
N PHE B 80 7.33 -9.04 -13.05
CA PHE B 80 8.63 -8.34 -12.92
C PHE B 80 9.67 -9.28 -12.29
N GLU B 81 10.93 -9.14 -12.66
CA GLU B 81 12.09 -9.58 -11.84
C GLU B 81 11.85 -9.12 -10.40
N PHE B 82 12.36 -9.86 -9.42
CA PHE B 82 12.20 -9.54 -7.97
C PHE B 82 13.42 -8.76 -7.48
N CYS B 83 13.18 -7.73 -6.66
CA CYS B 83 14.23 -6.89 -6.04
C CYS B 83 14.05 -6.95 -4.51
N ASP B 84 15.13 -6.68 -3.75
CA ASP B 84 15.20 -7.03 -2.31
C ASP B 84 14.35 -6.05 -1.50
N GLN B 85 14.46 -4.76 -1.81
CA GLN B 85 13.72 -3.69 -1.12
C GLN B 85 13.64 -2.47 -2.05
N ASP B 86 13.09 -1.36 -1.54
CA ASP B 86 13.23 -0.02 -2.18
C ASP B 86 14.26 0.77 -1.37
N LEU B 87 14.65 1.94 -1.88
CA LEU B 87 15.62 2.85 -1.21
C LEU B 87 15.01 3.40 0.09
N LYS B 88 13.69 3.54 0.16
CA LYS B 88 12.98 4.01 1.38
C LYS B 88 13.23 3.05 2.54
N LYS B 89 13.08 1.74 2.31
CA LYS B 89 13.29 0.69 3.34
C LYS B 89 14.80 0.45 3.58
N TYR B 90 15.65 0.83 2.62
CA TYR B 90 17.13 0.76 2.76
C TYR B 90 17.60 1.79 3.80
N PHE B 91 17.09 3.03 3.70
CA PHE B 91 17.40 4.15 4.63
C PHE B 91 17.05 3.73 6.05
N ASP B 92 15.83 3.19 6.25
CA ASP B 92 15.38 2.63 7.54
C ASP B 92 16.36 1.55 7.99
N SER B 93 16.77 0.67 7.06
CA SER B 93 17.58 -0.56 7.29
C SER B 93 18.97 -0.23 7.82
N CYS B 94 19.53 0.92 7.45
CA CYS B 94 20.96 1.28 7.66
C CYS B 94 21.10 2.60 8.42
N ASN B 95 20.08 2.99 9.21
CA ASN B 95 20.13 4.17 10.14
C ASN B 95 20.23 5.46 9.31
N GLY B 96 19.69 5.47 8.08
CA GLY B 96 19.74 6.61 7.13
C GLY B 96 21.17 6.99 6.74
N ASP B 97 22.17 6.22 7.16
CA ASP B 97 23.61 6.61 7.19
C ASP B 97 24.40 5.76 6.17
N LEU B 98 24.65 6.32 4.98
CA LEU B 98 25.25 5.59 3.82
C LEU B 98 26.74 5.89 3.72
N ASP B 99 27.50 4.91 3.23
CA ASP B 99 28.95 5.04 2.90
C ASP B 99 29.09 5.92 1.65
N PRO B 100 29.94 6.98 1.67
CA PRO B 100 30.12 7.85 0.49
C PRO B 100 30.32 7.14 -0.87
N GLU B 101 30.82 5.90 -0.89
CA GLU B 101 30.98 5.07 -2.13
C GLU B 101 29.63 4.47 -2.55
N ILE B 102 28.78 4.06 -1.59
CA ILE B 102 27.39 3.60 -1.88
C ILE B 102 26.60 4.78 -2.43
N VAL B 103 26.65 5.95 -1.77
CA VAL B 103 26.00 7.20 -2.26
C VAL B 103 26.37 7.39 -3.74
N LYS B 104 27.67 7.34 -4.05
CA LYS B 104 28.26 7.53 -5.40
C LYS B 104 27.75 6.44 -6.37
N SER B 105 27.67 5.19 -5.89
CA SER B 105 27.20 4.01 -6.65
C SER B 105 25.73 4.20 -7.06
N PHE B 106 24.85 4.50 -6.11
CA PHE B 106 23.38 4.59 -6.30
C PHE B 106 23.04 5.74 -7.27
N LEU B 107 23.64 6.92 -7.10
CA LEU B 107 23.34 8.08 -7.99
C LEU B 107 23.75 7.74 -9.43
N PHE B 108 24.90 7.08 -9.58
CA PHE B 108 25.46 6.63 -10.88
C PHE B 108 24.40 5.75 -11.57
N GLN B 109 24.00 4.67 -10.92
CA GLN B 109 23.05 3.67 -11.46
C GLN B 109 21.74 4.39 -11.81
N LEU B 110 21.31 5.35 -10.97
CA LEU B 110 20.06 6.12 -11.18
C LEU B 110 20.17 6.89 -12.50
N LEU B 111 21.29 7.59 -12.73
CA LEU B 111 21.52 8.48 -13.91
C LEU B 111 21.70 7.64 -15.19
N LYS B 112 22.26 6.42 -15.08
CA LYS B 112 22.44 5.48 -16.24
C LYS B 112 21.05 5.06 -16.74
N GLY B 113 20.20 4.55 -15.83
CA GLY B 113 18.81 4.12 -16.11
C GLY B 113 17.96 5.28 -16.59
N LEU B 114 18.22 6.48 -16.07
CA LEU B 114 17.47 7.72 -16.41
C LEU B 114 17.92 8.25 -17.78
N GLY B 115 19.23 8.34 -18.00
CA GLY B 115 19.85 8.74 -19.28
C GLY B 115 19.49 7.78 -20.40
N PHE B 116 19.25 6.51 -20.08
CA PHE B 116 18.78 5.47 -21.03
C PHE B 116 17.35 5.80 -21.46
N CYS B 117 16.46 6.01 -20.49
CA CYS B 117 15.03 6.38 -20.72
C CYS B 117 14.95 7.61 -21.63
N HIS B 118 15.63 8.69 -21.25
CA HIS B 118 15.63 9.98 -21.99
C HIS B 118 16.10 9.74 -23.44
N SER B 119 17.23 9.04 -23.61
CA SER B 119 17.79 8.69 -24.94
C SER B 119 16.76 7.93 -25.78
N ARG B 120 15.97 7.05 -25.15
CA ARG B 120 14.89 6.26 -25.81
C ARG B 120 13.59 7.08 -25.88
N ASN B 121 13.61 8.37 -25.50
CA ASN B 121 12.48 9.33 -25.66
C ASN B 121 11.33 8.96 -24.73
N VAL B 122 11.66 8.70 -23.47
CA VAL B 122 10.67 8.35 -22.41
C VAL B 122 10.88 9.33 -21.27
N LEU B 123 9.80 9.94 -20.79
CA LEU B 123 9.75 10.69 -19.50
C LEU B 123 9.23 9.71 -18.43
N HIS B 124 9.88 9.65 -17.27
CA HIS B 124 9.46 8.77 -16.14
C HIS B 124 8.30 9.44 -15.41
N ARG B 125 8.53 10.66 -14.90
CA ARG B 125 7.51 11.55 -14.30
C ARG B 125 7.02 11.03 -12.94
N ASP B 126 7.75 10.09 -12.29
CA ASP B 126 7.41 9.60 -10.92
C ASP B 126 8.67 9.05 -10.22
N LEU B 127 9.80 9.75 -10.28
CA LEU B 127 11.02 9.37 -9.53
C LEU B 127 10.85 9.71 -8.04
N LYS B 128 11.16 8.76 -7.18
CA LYS B 128 11.14 8.91 -5.69
C LYS B 128 11.79 7.65 -5.11
N PRO B 129 12.27 7.67 -3.85
CA PRO B 129 12.97 6.52 -3.27
C PRO B 129 12.21 5.18 -3.41
N GLN B 130 10.87 5.19 -3.33
CA GLN B 130 9.98 3.99 -3.38
C GLN B 130 9.99 3.32 -4.76
N ASN B 131 10.38 4.08 -5.78
CA ASN B 131 10.44 3.62 -7.19
C ASN B 131 11.89 3.25 -7.53
N LEU B 132 12.79 3.33 -6.54
CA LEU B 132 14.21 2.87 -6.66
C LEU B 132 14.34 1.54 -5.92
N LEU B 133 14.43 0.45 -6.69
CA LEU B 133 14.61 -0.91 -6.15
C LEU B 133 16.10 -1.15 -5.89
N ILE B 134 16.42 -1.69 -4.70
CA ILE B 134 17.80 -1.97 -4.22
C ILE B 134 17.95 -3.48 -4.03
N ASN B 135 18.96 -4.08 -4.65
CA ASN B 135 19.32 -5.52 -4.44
C ASN B 135 20.46 -5.57 -3.42
N ARG B 136 20.67 -6.74 -2.82
CA ARG B 136 21.70 -7.02 -1.78
C ARG B 136 23.10 -6.88 -2.41
N ASN B 137 23.24 -7.19 -3.70
CA ASN B 137 24.53 -7.15 -4.43
C ASN B 137 24.92 -5.70 -4.72
N GLY B 138 24.04 -4.74 -4.40
CA GLY B 138 24.33 -3.29 -4.44
C GLY B 138 23.75 -2.62 -5.67
N GLU B 139 23.08 -3.37 -6.55
CA GLU B 139 22.48 -2.85 -7.80
C GLU B 139 21.22 -2.05 -7.47
N LEU B 140 21.01 -0.94 -8.19
CA LEU B 140 19.80 -0.07 -8.10
C LEU B 140 19.07 -0.06 -9.44
N LYS B 141 17.74 -0.20 -9.42
CA LYS B 141 16.87 -0.22 -10.62
C LYS B 141 15.79 0.85 -10.48
N LEU B 142 15.62 1.68 -11.51
CA LEU B 142 14.47 2.60 -11.68
C LEU B 142 13.24 1.75 -12.03
N ALA B 143 12.16 1.86 -11.23
CA ALA B 143 10.90 1.11 -11.39
C ALA B 143 9.69 2.04 -11.43
N ASP B 144 8.52 1.48 -11.71
CA ASP B 144 7.19 2.14 -11.70
C ASP B 144 7.12 3.17 -12.85
N PHE B 145 6.75 2.72 -14.05
CA PHE B 145 6.55 3.59 -15.25
C PHE B 145 5.04 3.77 -15.49
N GLY B 146 4.26 3.84 -14.40
CA GLY B 146 2.80 4.00 -14.42
C GLY B 146 2.41 5.35 -14.99
N LEU B 147 3.18 6.39 -14.65
CA LEU B 147 2.93 7.81 -15.04
C LEU B 147 3.83 8.22 -16.22
N ALA B 148 4.74 7.37 -16.67
CA ALA B 148 5.69 7.66 -17.78
C ALA B 148 4.90 7.87 -19.07
N ARG B 149 5.47 8.61 -20.02
CA ARG B 149 4.97 8.71 -21.42
C ARG B 149 6.15 8.96 -22.37
N ALA B 150 5.96 8.58 -23.64
CA ALA B 150 6.89 8.84 -24.76
C ALA B 150 6.71 10.30 -25.17
N PHE B 151 7.76 10.95 -25.66
CA PHE B 151 7.71 12.33 -26.21
C PHE B 151 8.43 12.37 -27.56
N GLY B 152 8.15 13.41 -28.34
CA GLY B 152 8.88 13.74 -29.58
C GLY B 152 7.95 14.27 -30.64
N ILE B 153 6.71 13.77 -30.69
CA ILE B 153 5.62 14.30 -31.57
C ILE B 153 5.16 15.61 -30.97
N PRO B 154 5.22 16.74 -31.72
CA PRO B 154 4.81 18.03 -31.19
C PRO B 154 3.38 18.00 -30.61
N VAL B 155 3.22 18.43 -29.35
CA VAL B 155 1.93 18.48 -28.61
C VAL B 155 1.69 19.90 -28.11
N ARG B 156 0.42 20.24 -27.87
CA ARG B 156 -0.01 21.46 -27.12
C ARG B 156 0.71 21.48 -25.77
N CYS B 157 0.65 20.37 -25.02
CA CYS B 157 1.01 20.31 -23.58
C CYS B 157 0.68 18.94 -22.96
N TYR B 158 1.34 18.62 -21.86
CA TYR B 158 1.20 17.38 -21.06
C TYR B 158 0.35 17.69 -19.82
N SER B 159 0.24 16.73 -18.90
CA SER B 159 -0.39 16.87 -17.56
C SER B 159 0.66 17.43 -16.58
N ALA B 160 0.24 18.34 -15.70
CA ALA B 160 1.06 18.90 -14.60
C ALA B 160 0.88 18.03 -13.37
N GLU B 161 -0.07 17.10 -13.41
CA GLU B 161 -0.41 16.19 -12.28
C GLU B 161 0.48 14.94 -12.41
N VAL B 162 1.78 15.17 -12.20
CA VAL B 162 2.88 14.17 -12.35
C VAL B 162 3.87 14.34 -11.19
N VAL B 163 4.46 13.24 -10.69
CA VAL B 163 5.53 13.20 -9.65
C VAL B 163 4.92 13.52 -8.27
N THR B 164 5.41 12.88 -7.20
CA THR B 164 4.95 13.10 -5.80
C THR B 164 5.57 14.40 -5.24
N LEU B 165 4.75 15.15 -4.49
CA LEU B 165 4.93 16.58 -4.06
C LEU B 165 6.39 16.89 -3.72
N TRP B 166 7.02 16.10 -2.86
CA TRP B 166 8.34 16.46 -2.28
C TRP B 166 9.43 16.46 -3.35
N TYR B 167 9.21 15.79 -4.49
CA TYR B 167 10.23 15.52 -5.54
C TYR B 167 9.77 16.07 -6.90
N ARG B 168 8.76 16.94 -6.89
CA ARG B 168 8.20 17.62 -8.09
C ARG B 168 8.94 18.94 -8.28
N PRO B 169 9.49 19.23 -9.49
CA PRO B 169 10.31 20.41 -9.69
C PRO B 169 9.48 21.69 -9.71
N PRO B 170 10.08 22.86 -9.45
CA PRO B 170 9.30 24.08 -9.24
C PRO B 170 8.44 24.45 -10.45
N ASP B 171 8.91 24.20 -11.67
CA ASP B 171 8.18 24.55 -12.91
C ASP B 171 6.84 23.82 -12.88
N VAL B 172 6.84 22.56 -12.45
CA VAL B 172 5.61 21.71 -12.40
C VAL B 172 4.74 22.12 -11.21
N LEU B 173 5.32 22.51 -10.08
CA LEU B 173 4.58 23.07 -8.91
C LEU B 173 3.88 24.37 -9.30
N PHE B 174 4.46 25.14 -10.23
CA PHE B 174 3.89 26.39 -10.78
C PHE B 174 2.91 26.07 -11.92
N GLY B 175 2.73 24.78 -12.21
CA GLY B 175 1.65 24.27 -13.08
C GLY B 175 2.07 24.15 -14.52
N ALA B 176 3.37 24.09 -14.80
CA ALA B 176 3.93 23.89 -16.15
C ALA B 176 3.31 22.66 -16.81
N LYS B 177 2.94 22.77 -18.08
CA LYS B 177 2.53 21.63 -18.95
C LYS B 177 3.54 21.43 -20.10
N LEU B 178 4.67 22.15 -20.14
CA LEU B 178 5.61 22.15 -21.30
C LEU B 178 6.98 21.62 -20.87
N TYR B 179 7.07 20.77 -19.86
CA TYR B 179 8.36 20.21 -19.36
C TYR B 179 8.95 19.24 -20.39
N SER B 180 10.27 19.08 -20.35
CA SER B 180 11.07 18.09 -21.13
C SER B 180 11.62 17.00 -20.20
N THR B 181 12.71 16.35 -20.61
CA THR B 181 13.46 15.35 -19.81
C THR B 181 13.94 15.99 -18.51
N SER B 182 14.05 17.32 -18.46
CA SER B 182 14.51 18.08 -17.27
C SER B 182 13.70 17.69 -16.02
N ILE B 183 12.45 17.24 -16.17
CA ILE B 183 11.52 16.94 -15.04
C ILE B 183 12.13 15.86 -14.12
N ASP B 184 12.71 14.80 -14.70
CA ASP B 184 13.29 13.64 -13.98
C ASP B 184 14.59 14.06 -13.27
N MET B 185 15.31 15.03 -13.83
CA MET B 185 16.63 15.46 -13.34
C MET B 185 16.50 16.20 -12.00
N TRP B 186 15.38 16.89 -11.74
CA TRP B 186 15.16 17.54 -10.40
C TRP B 186 14.97 16.45 -9.35
N SER B 187 14.09 15.49 -9.63
CA SER B 187 13.82 14.32 -8.75
C SER B 187 15.15 13.67 -8.35
N ALA B 188 16.06 13.49 -9.33
CA ALA B 188 17.41 12.88 -9.15
C ALA B 188 18.21 13.70 -8.13
N GLY B 189 18.15 15.05 -8.23
CA GLY B 189 18.75 16.00 -7.27
C GLY B 189 18.25 15.78 -5.84
N CYS B 190 16.94 15.61 -5.66
CA CYS B 190 16.28 15.45 -4.34
C CYS B 190 16.69 14.13 -3.70
N ILE B 191 16.69 13.04 -4.49
CA ILE B 191 17.13 11.67 -4.11
C ILE B 191 18.60 11.73 -3.65
N PHE B 192 19.45 12.39 -4.44
CA PHE B 192 20.91 12.56 -4.19
C PHE B 192 21.15 13.19 -2.81
N ALA B 193 20.41 14.24 -2.46
CA ALA B 193 20.42 14.95 -1.14
C ALA B 193 19.99 14.00 -0.02
N GLU B 194 19.03 13.11 -0.26
CA GLU B 194 18.57 12.11 0.73
C GLU B 194 19.74 11.13 1.02
N LEU B 195 20.34 10.57 -0.03
CA LEU B 195 21.49 9.60 0.02
C LEU B 195 22.66 10.22 0.79
N ALA B 196 22.90 11.52 0.59
CA ALA B 196 24.08 12.28 1.05
C ALA B 196 23.87 12.87 2.45
N ASN B 197 22.69 12.68 3.05
CA ASN B 197 22.47 13.00 4.48
C ASN B 197 21.99 11.73 5.19
N ALA B 198 20.83 11.79 5.86
CA ALA B 198 20.30 10.72 6.75
C ALA B 198 19.08 10.07 6.10
N GLY B 199 19.03 10.07 4.76
CA GLY B 199 17.91 9.51 3.97
C GLY B 199 16.60 10.30 4.13
N ARG B 200 16.64 11.56 4.57
CA ARG B 200 15.40 12.34 4.85
C ARG B 200 15.09 13.30 3.70
N PRO B 201 13.79 13.48 3.32
CA PRO B 201 13.36 14.38 2.25
C PRO B 201 13.84 15.83 2.42
N LEU B 202 14.43 16.39 1.37
CA LEU B 202 15.08 17.72 1.41
C LEU B 202 13.99 18.80 1.62
N PHE B 203 12.89 18.75 0.85
CA PHE B 203 11.78 19.72 0.88
C PHE B 203 10.46 18.99 1.20
N PRO B 204 10.22 18.64 2.49
CA PRO B 204 8.99 17.92 2.86
C PRO B 204 7.77 18.84 3.14
N GLY B 205 7.14 19.36 2.10
CA GLY B 205 6.04 20.33 2.16
C GLY B 205 4.68 19.70 2.44
N ASN B 206 3.78 20.51 2.99
CA ASN B 206 2.39 20.12 3.36
C ASN B 206 1.49 20.20 2.12
N ASP B 207 1.70 21.23 1.30
CA ASP B 207 0.89 21.51 0.08
C ASP B 207 1.83 22.10 -0.96
N VAL B 208 1.29 22.52 -2.12
CA VAL B 208 2.07 23.14 -3.23
C VAL B 208 2.73 24.42 -2.72
N ASP B 209 1.97 25.25 -1.99
CA ASP B 209 2.40 26.60 -1.52
C ASP B 209 3.57 26.43 -0.54
N ASP B 210 3.45 25.51 0.43
CA ASP B 210 4.51 25.22 1.43
C ASP B 210 5.74 24.64 0.70
N GLN B 211 5.53 23.81 -0.31
CA GLN B 211 6.62 23.23 -1.14
C GLN B 211 7.47 24.37 -1.74
N LEU B 212 6.82 25.35 -2.38
CA LEU B 212 7.46 26.52 -3.05
C LEU B 212 8.16 27.41 -2.03
N LYS B 213 7.56 27.61 -0.85
CA LYS B 213 8.22 28.33 0.28
C LYS B 213 9.50 27.57 0.70
N ARG B 214 9.43 26.25 0.84
CA ARG B 214 10.55 25.43 1.42
C ARG B 214 11.75 25.39 0.46
N ILE B 215 11.51 25.36 -0.84
CA ILE B 215 12.58 25.26 -1.89
C ILE B 215 13.31 26.60 -2.00
N PHE B 216 12.55 27.69 -2.09
CA PHE B 216 13.07 29.07 -2.27
C PHE B 216 13.80 29.51 -0.99
N ARG B 217 13.39 29.02 0.18
CA ARG B 217 14.03 29.35 1.49
C ARG B 217 15.47 28.82 1.51
N LEU B 218 15.72 27.64 0.90
CA LEU B 218 17.07 27.00 0.84
C LEU B 218 17.87 27.53 -0.35
N LEU B 219 17.33 27.40 -1.57
CA LEU B 219 18.04 27.70 -2.84
C LEU B 219 17.96 29.20 -3.16
N GLY B 220 17.06 29.93 -2.50
CA GLY B 220 16.81 31.36 -2.76
C GLY B 220 15.73 31.53 -3.82
N THR B 221 14.85 32.52 -3.65
CA THR B 221 13.77 32.84 -4.63
C THR B 221 14.43 33.15 -5.96
N PRO B 222 14.38 32.22 -6.95
CA PRO B 222 15.18 32.38 -8.17
C PRO B 222 14.72 33.60 -8.99
N THR B 223 15.71 34.27 -9.57
CA THR B 223 15.63 35.66 -10.10
C THR B 223 15.21 35.62 -11.57
N GLU B 224 14.74 36.74 -12.14
CA GLU B 224 14.42 36.90 -13.58
C GLU B 224 15.67 36.58 -14.42
N GLU B 225 16.86 36.92 -13.89
CA GLU B 225 18.18 36.60 -14.49
C GLU B 225 18.34 35.07 -14.58
N GLN B 226 18.13 34.38 -13.45
CA GLN B 226 18.29 32.91 -13.30
C GLN B 226 17.22 32.15 -14.10
N TRP B 227 15.98 32.64 -14.11
CA TRP B 227 14.81 31.88 -14.65
C TRP B 227 13.80 32.84 -15.29
N PRO B 228 14.07 33.33 -16.51
CA PRO B 228 13.20 34.31 -17.15
C PRO B 228 11.72 33.88 -17.27
N SER B 229 11.45 32.65 -17.70
CA SER B 229 10.09 32.15 -18.03
C SER B 229 9.28 31.82 -16.76
N MET B 230 9.87 31.93 -15.57
CA MET B 230 9.23 31.62 -14.26
C MET B 230 7.87 32.31 -14.19
N THR B 231 7.86 33.62 -14.45
CA THR B 231 6.70 34.53 -14.31
C THR B 231 5.63 34.24 -15.36
N LYS B 232 5.92 33.37 -16.33
CA LYS B 232 5.04 32.99 -17.46
C LYS B 232 4.26 31.71 -17.12
N LEU B 233 4.52 31.08 -15.98
CA LEU B 233 3.97 29.73 -15.66
C LEU B 233 2.51 29.87 -15.20
N PRO B 234 1.61 28.93 -15.58
CA PRO B 234 0.17 29.09 -15.37
C PRO B 234 -0.27 29.51 -13.97
N ASP B 235 0.27 28.86 -12.93
CA ASP B 235 -0.11 29.13 -11.52
C ASP B 235 0.99 29.94 -10.83
N TYR B 236 1.75 30.74 -11.59
CA TYR B 236 2.80 31.63 -11.02
C TYR B 236 2.16 32.77 -10.21
N LYS B 237 2.70 33.03 -9.02
CA LYS B 237 2.45 34.25 -8.22
C LYS B 237 3.77 34.63 -7.53
N PRO B 238 4.06 35.94 -7.35
CA PRO B 238 5.31 36.36 -6.71
C PRO B 238 5.45 35.80 -5.28
N TYR B 239 6.64 35.27 -4.94
CA TYR B 239 6.98 34.76 -3.58
C TYR B 239 7.95 35.73 -2.92
N PRO B 240 8.06 35.73 -1.57
CA PRO B 240 9.04 36.56 -0.87
C PRO B 240 10.47 36.28 -1.37
N MET B 241 11.28 37.34 -1.46
CA MET B 241 12.70 37.25 -1.89
C MET B 241 13.52 36.62 -0.75
N TYR B 242 13.65 35.29 -0.79
CA TYR B 242 14.53 34.53 0.13
C TYR B 242 15.95 34.60 -0.42
N PRO B 243 16.97 34.82 0.45
CA PRO B 243 18.37 34.79 0.00
C PRO B 243 18.82 33.37 -0.41
N ALA B 244 19.86 33.29 -1.25
CA ALA B 244 20.37 32.04 -1.86
C ALA B 244 21.67 31.60 -1.18
N THR B 245 22.05 32.22 -0.06
CA THR B 245 23.45 32.23 0.45
C THR B 245 23.87 30.84 0.96
N THR B 246 22.95 29.87 1.04
CA THR B 246 23.27 28.47 1.45
C THR B 246 24.22 27.85 0.43
N SER B 247 25.43 27.47 0.87
CA SER B 247 26.45 26.73 0.08
C SER B 247 26.00 25.28 -0.09
N LEU B 248 25.26 24.75 0.90
CA LEU B 248 24.63 23.40 0.94
C LEU B 248 25.51 22.43 1.74
N VAL B 249 26.55 22.94 2.42
CA VAL B 249 27.55 22.13 3.17
C VAL B 249 26.83 21.37 4.31
N ASN B 250 25.98 22.09 5.06
CA ASN B 250 25.26 21.60 6.27
C ASN B 250 24.13 20.65 5.85
N VAL B 251 23.61 20.78 4.62
CA VAL B 251 22.44 20.00 4.11
C VAL B 251 22.91 18.63 3.62
N VAL B 252 24.10 18.57 2.98
CA VAL B 252 24.73 17.31 2.52
C VAL B 252 26.17 17.28 3.04
N PRO B 253 26.37 16.90 4.32
CA PRO B 253 27.72 16.84 4.89
C PRO B 253 28.53 15.57 4.53
N LYS B 254 27.94 14.62 3.77
CA LYS B 254 28.63 13.38 3.29
C LYS B 254 29.34 13.65 1.96
N LEU B 255 29.05 14.78 1.31
CA LEU B 255 29.58 15.14 -0.03
C LEU B 255 30.76 16.11 0.10
N ASN B 256 31.84 15.85 -0.66
CA ASN B 256 32.93 16.83 -0.91
C ASN B 256 32.41 17.89 -1.90
N ALA B 257 33.17 18.96 -2.11
CA ALA B 257 32.81 20.12 -2.96
C ALA B 257 32.34 19.64 -4.35
N THR B 258 32.89 18.53 -4.84
CA THR B 258 32.60 17.90 -6.16
C THR B 258 31.16 17.38 -6.16
N GLY B 259 30.83 16.52 -5.21
CA GLY B 259 29.44 16.09 -4.95
C GLY B 259 28.51 17.29 -4.92
N ARG B 260 28.86 18.30 -4.14
CA ARG B 260 28.01 19.50 -3.89
C ARG B 260 27.83 20.33 -5.18
N ASP B 261 28.80 20.31 -6.09
CA ASP B 261 28.73 21.05 -7.37
C ASP B 261 27.72 20.35 -8.30
N LEU B 262 27.75 19.01 -8.35
CA LEU B 262 26.79 18.19 -9.13
C LEU B 262 25.37 18.47 -8.58
N LEU B 263 25.20 18.39 -7.26
CA LEU B 263 23.90 18.63 -6.57
C LEU B 263 23.28 19.95 -7.04
N GLN B 264 24.10 21.01 -7.15
CA GLN B 264 23.60 22.37 -7.47
C GLN B 264 23.24 22.45 -8.95
N ASN B 265 23.84 21.61 -9.80
CA ASN B 265 23.55 21.52 -11.26
C ASN B 265 22.20 20.82 -11.46
N LEU B 266 21.89 19.83 -10.62
CA LEU B 266 20.63 19.04 -10.69
C LEU B 266 19.45 19.87 -10.16
N LEU B 267 19.67 20.68 -9.12
CA LEU B 267 18.61 21.42 -8.36
C LEU B 267 18.58 22.90 -8.76
N LYS B 268 18.69 23.22 -10.06
CA LYS B 268 18.32 24.56 -10.58
C LYS B 268 16.80 24.55 -10.78
N CYS B 269 16.12 25.53 -10.19
CA CYS B 269 14.68 25.83 -10.42
C CYS B 269 14.35 25.84 -11.92
N ASN B 270 15.12 26.61 -12.71
CA ASN B 270 14.98 26.77 -14.18
C ASN B 270 15.25 25.45 -14.89
N PRO B 271 14.24 24.72 -15.40
CA PRO B 271 14.46 23.41 -16.00
C PRO B 271 15.55 23.33 -17.07
N VAL B 272 15.79 24.43 -17.78
CA VAL B 272 16.72 24.48 -18.95
C VAL B 272 18.17 24.34 -18.46
N GLN B 273 18.46 24.89 -17.27
CA GLN B 273 19.82 24.91 -16.66
C GLN B 273 20.09 23.60 -15.91
N ARG B 274 19.08 22.73 -15.80
CA ARG B 274 19.24 21.44 -15.08
C ARG B 274 20.10 20.52 -15.95
N ILE B 275 21.28 20.19 -15.43
CA ILE B 275 22.24 19.21 -16.01
C ILE B 275 21.45 17.96 -16.40
N SER B 276 21.77 17.36 -17.55
CA SER B 276 21.13 16.11 -18.05
C SER B 276 21.89 14.91 -17.51
N ALA B 277 21.27 13.72 -17.58
CA ALA B 277 21.84 12.41 -17.19
C ALA B 277 23.21 12.19 -17.86
N GLU B 278 23.32 12.44 -19.17
CA GLU B 278 24.58 12.18 -19.93
C GLU B 278 25.66 13.15 -19.46
N GLU B 279 25.35 14.44 -19.30
CA GLU B 279 26.26 15.50 -18.79
C GLU B 279 26.69 15.16 -17.35
N ALA B 280 25.76 14.68 -16.51
CA ALA B 280 25.99 14.34 -15.08
C ALA B 280 27.00 13.19 -14.96
N LEU B 281 26.91 12.20 -15.85
CA LEU B 281 27.74 10.97 -15.81
C LEU B 281 29.20 11.33 -16.16
N GLN B 282 29.42 12.42 -16.89
CA GLN B 282 30.77 12.90 -17.29
C GLN B 282 31.37 13.76 -16.17
N HIS B 283 30.58 14.09 -15.14
CA HIS B 283 30.98 15.00 -14.04
C HIS B 283 32.20 14.43 -13.30
N PRO B 284 33.16 15.29 -12.89
CA PRO B 284 34.28 14.87 -12.03
C PRO B 284 33.91 14.00 -10.81
N TYR B 285 32.69 14.14 -10.28
CA TYR B 285 32.19 13.37 -9.12
C TYR B 285 32.28 11.86 -9.40
N PHE B 286 32.31 11.45 -10.68
CA PHE B 286 32.24 10.03 -11.14
C PHE B 286 33.52 9.60 -11.88
N SER B 287 34.63 10.34 -11.75
CA SER B 287 35.91 10.01 -12.45
C SER B 287 36.49 8.69 -11.89
N ASP B 288 35.88 7.55 -12.24
CA ASP B 288 36.24 6.19 -11.75
C ASP B 288 36.40 6.21 -10.23
N ALA C 48 -15.46 -32.90 27.49
CA ALA C 48 -14.22 -32.13 27.21
C ALA C 48 -13.57 -32.58 25.88
N SER C 49 -14.16 -33.56 25.18
CA SER C 49 -13.70 -34.01 23.83
C SER C 49 -14.36 -33.13 22.75
N THR C 50 -13.68 -32.85 21.63
CA THR C 50 -14.21 -32.03 20.51
C THR C 50 -15.47 -32.68 19.92
N SER C 51 -15.36 -33.93 19.48
CA SER C 51 -16.49 -34.78 19.00
C SER C 51 -17.68 -34.69 19.97
N GLU C 52 -17.42 -34.89 21.27
CA GLU C 52 -18.43 -34.83 22.37
C GLU C 52 -19.10 -33.45 22.37
N LEU C 53 -18.32 -32.36 22.26
CA LEU C 53 -18.82 -30.96 22.33
C LEU C 53 -19.54 -30.59 21.02
N LEU C 54 -19.08 -31.10 19.87
CA LEU C 54 -19.74 -30.94 18.55
C LEU C 54 -21.09 -31.68 18.53
N ARG C 55 -21.18 -32.84 19.19
CA ARG C 55 -22.41 -33.67 19.25
C ARG C 55 -23.50 -32.94 20.04
N CYS C 56 -23.10 -32.18 21.07
CA CYS C 56 -23.99 -31.33 21.90
C CYS C 56 -24.52 -30.20 21.02
N LEU C 57 -23.62 -29.46 20.37
CA LEU C 57 -23.96 -28.33 19.47
C LEU C 57 -25.01 -28.78 18.45
N GLY C 58 -24.79 -29.92 17.76
CA GLY C 58 -25.74 -30.51 16.79
C GLY C 58 -27.09 -30.82 17.43
N GLU C 59 -27.06 -31.36 18.65
CA GLU C 59 -28.29 -31.73 19.38
C GLU C 59 -28.93 -30.43 19.84
N PHE C 60 -28.13 -29.41 20.12
CA PHE C 60 -28.64 -28.05 20.44
C PHE C 60 -29.40 -27.52 19.22
N LEU C 61 -28.74 -27.47 18.05
CA LEU C 61 -29.32 -26.89 16.82
C LEU C 61 -30.63 -27.57 16.44
N CYS C 62 -30.71 -28.90 16.60
CA CYS C 62 -31.91 -29.72 16.24
C CYS C 62 -33.09 -29.35 17.12
N ARG C 63 -32.83 -29.03 18.39
CA ARG C 63 -33.85 -28.68 19.40
C ARG C 63 -34.31 -27.24 19.16
N ARG C 64 -33.37 -26.34 18.84
CA ARG C 64 -33.67 -24.93 18.51
C ARG C 64 -34.58 -24.86 17.28
N CYS C 65 -34.25 -25.58 16.21
CA CYS C 65 -34.78 -25.35 14.82
C CYS C 65 -35.99 -26.26 14.52
N TYR C 66 -36.98 -26.30 15.42
CA TYR C 66 -38.15 -27.23 15.44
C TYR C 66 -38.68 -27.51 14.01
N ARG C 67 -38.68 -26.52 13.11
CA ARG C 67 -39.34 -26.58 11.76
C ARG C 67 -38.63 -27.59 10.83
N LEU C 68 -37.34 -27.85 11.07
CA LEU C 68 -36.51 -28.78 10.26
C LEU C 68 -36.70 -30.21 10.81
N LYS C 69 -37.49 -31.03 10.10
CA LYS C 69 -37.95 -32.38 10.51
C LYS C 69 -36.96 -33.46 10.03
N HIS C 70 -36.24 -33.20 8.95
CA HIS C 70 -35.33 -34.16 8.27
C HIS C 70 -33.87 -33.72 8.41
N LEU C 71 -33.50 -33.09 9.54
CA LEU C 71 -32.13 -32.64 9.88
C LEU C 71 -31.56 -33.60 10.95
N SER C 72 -30.32 -34.04 10.77
CA SER C 72 -29.60 -34.92 11.73
C SER C 72 -28.64 -34.11 12.58
N PRO C 73 -28.49 -34.47 13.88
CA PRO C 73 -27.50 -33.84 14.74
C PRO C 73 -26.05 -34.07 14.30
N THR C 74 -25.83 -34.97 13.34
CA THR C 74 -24.51 -35.19 12.67
C THR C 74 -24.29 -34.22 11.50
N ASP C 75 -25.36 -33.60 10.96
CA ASP C 75 -25.31 -32.72 9.76
C ASP C 75 -24.47 -31.49 10.11
N PRO C 76 -24.79 -30.76 11.20
CA PRO C 76 -23.93 -29.67 11.64
C PRO C 76 -22.49 -30.18 11.73
N VAL C 77 -22.26 -31.30 12.42
CA VAL C 77 -20.90 -31.83 12.68
C VAL C 77 -20.18 -32.07 11.34
N LEU C 78 -20.88 -32.69 10.38
CA LEU C 78 -20.34 -33.00 9.03
C LEU C 78 -19.92 -31.68 8.37
N TRP C 79 -20.78 -30.65 8.41
CA TRP C 79 -20.53 -29.35 7.72
C TRP C 79 -19.30 -28.67 8.33
N LEU C 80 -19.08 -28.76 9.64
CA LEU C 80 -17.97 -28.05 10.34
C LEU C 80 -16.64 -28.75 10.07
N ARG C 81 -16.61 -30.07 10.26
CA ARG C 81 -15.42 -30.92 10.03
C ARG C 81 -15.00 -30.79 8.57
N SER C 82 -15.95 -30.81 7.64
CA SER C 82 -15.70 -30.74 6.17
C SER C 82 -14.90 -29.46 5.84
N VAL C 83 -15.29 -28.33 6.44
CA VAL C 83 -14.64 -27.00 6.24
C VAL C 83 -13.22 -27.07 6.80
N ASP C 84 -13.06 -27.51 8.04
CA ASP C 84 -11.75 -27.54 8.74
C ASP C 84 -10.77 -28.38 7.91
N ARG C 85 -11.24 -29.47 7.32
CA ARG C 85 -10.45 -30.38 6.45
C ARG C 85 -10.03 -29.60 5.20
N SER C 86 -10.99 -29.01 4.51
CA SER C 86 -10.77 -28.31 3.22
C SER C 86 -9.63 -27.28 3.35
N LEU C 87 -9.69 -26.42 4.36
CA LEU C 87 -8.71 -25.33 4.63
C LEU C 87 -7.34 -25.95 4.90
N LEU C 88 -7.31 -27.07 5.64
CA LEU C 88 -6.08 -27.81 6.06
C LEU C 88 -5.40 -28.38 4.81
N LEU C 89 -6.17 -29.09 3.97
CA LEU C 89 -5.64 -29.76 2.77
C LEU C 89 -5.28 -28.73 1.68
N GLN C 90 -5.88 -27.54 1.70
CA GLN C 90 -5.54 -26.45 0.74
C GLN C 90 -4.36 -25.65 1.28
N GLY C 91 -3.93 -25.94 2.52
CA GLY C 91 -2.76 -25.29 3.16
C GLY C 91 -3.06 -23.84 3.52
N TRP C 92 -4.25 -23.58 4.06
CA TRP C 92 -4.65 -22.26 4.60
C TRP C 92 -4.43 -22.24 6.11
N GLN C 93 -4.09 -23.40 6.70
CA GLN C 93 -3.68 -23.55 8.11
C GLN C 93 -2.82 -24.81 8.27
N ASP C 94 -2.02 -24.85 9.33
CA ASP C 94 -1.16 -25.99 9.74
C ASP C 94 -1.94 -26.94 10.64
N GLN C 95 -2.72 -26.42 11.59
CA GLN C 95 -3.54 -27.23 12.52
C GLN C 95 -5.02 -26.90 12.32
N GLY C 96 -5.90 -27.84 12.69
CA GLY C 96 -7.36 -27.67 12.62
C GLY C 96 -7.83 -26.65 13.63
N PHE C 97 -8.85 -25.88 13.28
CA PHE C 97 -9.41 -24.78 14.11
C PHE C 97 -10.31 -25.37 15.20
N ILE C 98 -10.93 -26.53 14.96
CA ILE C 98 -12.06 -27.03 15.79
C ILE C 98 -11.49 -27.73 17.02
N THR C 99 -11.36 -26.99 18.12
CA THR C 99 -10.89 -27.47 19.45
C THR C 99 -12.00 -27.19 20.46
N PRO C 100 -11.92 -27.71 21.71
CA PRO C 100 -12.99 -27.49 22.68
C PRO C 100 -13.34 -26.00 22.84
N ALA C 101 -12.34 -25.14 23.03
CA ALA C 101 -12.54 -23.69 23.31
C ALA C 101 -13.34 -23.05 22.18
N ASN C 102 -12.96 -23.31 20.93
CA ASN C 102 -13.54 -22.67 19.73
C ASN C 102 -14.95 -23.22 19.46
N VAL C 103 -15.22 -24.48 19.81
CA VAL C 103 -16.59 -25.05 19.69
C VAL C 103 -17.52 -24.32 20.67
N VAL C 104 -17.05 -24.06 21.89
CA VAL C 104 -17.77 -23.27 22.93
C VAL C 104 -18.03 -21.85 22.40
N PHE C 105 -17.03 -21.19 21.81
CA PHE C 105 -17.18 -19.86 21.18
C PHE C 105 -18.28 -19.93 20.11
N LEU C 106 -18.17 -20.86 19.15
CA LEU C 106 -19.12 -21.04 18.02
C LEU C 106 -20.55 -21.23 18.56
N TYR C 107 -20.69 -21.98 19.66
CA TYR C 107 -21.98 -22.26 20.32
C TYR C 107 -22.55 -20.93 20.82
N MET C 108 -21.73 -20.17 21.54
CA MET C 108 -22.07 -18.85 22.12
C MET C 108 -22.72 -17.96 21.06
N LEU C 109 -22.19 -17.96 19.82
CA LEU C 109 -22.75 -17.22 18.66
C LEU C 109 -24.07 -17.87 18.23
N CYS C 110 -24.05 -19.15 17.89
CA CYS C 110 -25.20 -19.92 17.33
C CYS C 110 -26.48 -19.71 18.16
N ARG C 111 -26.37 -19.77 19.49
CA ARG C 111 -27.56 -19.74 20.38
C ARG C 111 -28.19 -18.34 20.37
N ASP C 112 -27.41 -17.30 20.07
CA ASP C 112 -27.91 -15.91 19.95
C ASP C 112 -28.19 -15.55 18.49
N VAL C 113 -27.59 -16.22 17.49
CA VAL C 113 -27.78 -15.80 16.06
C VAL C 113 -28.88 -16.65 15.42
N ILE C 114 -29.06 -17.89 15.83
CA ILE C 114 -29.88 -18.86 15.07
C ILE C 114 -31.32 -18.80 15.58
N SER C 115 -32.21 -18.25 14.76
CA SER C 115 -33.67 -18.18 15.01
C SER C 115 -34.24 -19.60 15.22
N SER C 116 -35.22 -19.72 16.11
CA SER C 116 -36.13 -20.88 16.21
C SER C 116 -36.83 -21.15 14.86
N GLU C 117 -36.95 -20.12 14.02
CA GLU C 117 -37.88 -20.09 12.86
C GLU C 117 -37.15 -20.24 11.52
N VAL C 118 -35.88 -20.67 11.51
CA VAL C 118 -35.13 -21.02 10.27
C VAL C 118 -35.91 -22.10 9.51
N GLY C 119 -36.15 -21.87 8.21
CA GLY C 119 -37.21 -22.55 7.43
C GLY C 119 -36.71 -23.78 6.68
N SER C 120 -35.43 -23.84 6.36
CA SER C 120 -34.77 -24.91 5.57
C SER C 120 -33.43 -25.28 6.22
N ASP C 121 -32.99 -26.52 6.05
CA ASP C 121 -31.62 -27.01 6.38
C ASP C 121 -30.56 -26.17 5.66
N HIS C 122 -30.82 -25.75 4.41
CA HIS C 122 -29.89 -24.92 3.58
C HIS C 122 -29.64 -23.57 4.25
N GLU C 123 -30.69 -22.85 4.67
CA GLU C 123 -30.61 -21.61 5.49
C GLU C 123 -29.83 -21.86 6.79
N LEU C 124 -30.09 -22.96 7.51
CA LEU C 124 -29.41 -23.26 8.80
C LEU C 124 -27.90 -23.38 8.53
N GLN C 125 -27.51 -24.07 7.45
CA GLN C 125 -26.09 -24.24 7.09
C GLN C 125 -25.45 -22.89 6.74
N ALA C 126 -26.12 -22.09 5.92
CA ALA C 126 -25.69 -20.73 5.55
C ALA C 126 -25.42 -19.92 6.83
N VAL C 127 -26.31 -20.00 7.81
CA VAL C 127 -26.21 -19.18 9.05
C VAL C 127 -25.09 -19.75 9.93
N LEU C 128 -25.04 -21.06 10.10
CA LEU C 128 -24.03 -21.73 10.96
C LEU C 128 -22.62 -21.42 10.44
N LEU C 129 -22.43 -21.50 9.12
CA LEU C 129 -21.12 -21.30 8.46
C LEU C 129 -20.74 -19.82 8.52
N THR C 130 -21.72 -18.91 8.56
CA THR C 130 -21.45 -17.46 8.76
C THR C 130 -20.87 -17.29 10.17
N CYS C 131 -21.47 -17.93 11.18
CA CYS C 131 -20.98 -17.92 12.59
C CYS C 131 -19.58 -18.53 12.66
N LEU C 132 -19.34 -19.59 11.90
CA LEU C 132 -18.04 -20.29 11.82
C LEU C 132 -16.99 -19.34 11.23
N TYR C 133 -17.26 -18.78 10.05
CA TYR C 133 -16.36 -17.82 9.36
C TYR C 133 -15.94 -16.72 10.33
N LEU C 134 -16.87 -16.26 11.18
CA LEU C 134 -16.61 -15.21 12.20
C LEU C 134 -15.76 -15.78 13.34
N SER C 135 -15.96 -17.04 13.74
CA SER C 135 -15.13 -17.71 14.78
C SER C 135 -13.68 -17.78 14.30
N TYR C 136 -13.47 -18.28 13.08
CA TYR C 136 -12.12 -18.37 12.45
C TYR C 136 -11.48 -16.98 12.51
N SER C 137 -12.15 -15.99 11.93
CA SER C 137 -11.66 -14.60 11.77
C SER C 137 -11.38 -13.94 13.12
N TYR C 138 -12.03 -14.37 14.20
CA TYR C 138 -11.88 -13.77 15.55
C TYR C 138 -10.83 -14.52 16.37
N MET C 139 -10.72 -15.84 16.21
CA MET C 139 -9.96 -16.75 17.12
C MET C 139 -8.87 -17.53 16.36
N GLY C 140 -9.03 -17.70 15.05
CA GLY C 140 -8.10 -18.50 14.22
C GLY C 140 -6.70 -17.90 14.21
N ASN C 141 -5.68 -18.76 14.24
CA ASN C 141 -4.26 -18.39 14.35
C ASN C 141 -3.75 -17.85 13.02
N GLU C 142 -4.49 -18.01 11.93
CA GLU C 142 -4.07 -17.47 10.62
C GLU C 142 -4.55 -16.02 10.51
N ILE C 143 -3.78 -15.20 9.79
CA ILE C 143 -4.07 -13.77 9.52
C ILE C 143 -5.40 -13.68 8.75
N SER C 144 -5.63 -14.60 7.81
CA SER C 144 -6.73 -14.55 6.82
C SER C 144 -7.25 -15.95 6.50
N TYR C 145 -8.54 -16.06 6.21
CA TYR C 145 -9.23 -17.30 5.79
C TYR C 145 -10.14 -17.00 4.60
N PRO C 146 -10.19 -17.88 3.58
CA PRO C 146 -11.00 -17.62 2.39
C PRO C 146 -12.50 -17.88 2.62
N LEU C 147 -13.33 -17.49 1.63
CA LEU C 147 -14.82 -17.51 1.69
C LEU C 147 -15.40 -18.82 1.14
N LYS C 148 -14.77 -19.40 0.10
CA LYS C 148 -15.32 -20.53 -0.70
C LYS C 148 -15.80 -21.66 0.21
N PRO C 149 -15.00 -22.12 1.19
CA PRO C 149 -15.43 -23.18 2.09
C PRO C 149 -16.70 -22.86 2.87
N PHE C 150 -16.95 -21.56 3.10
CA PHE C 150 -17.99 -21.03 4.03
C PHE C 150 -19.23 -20.56 3.27
N LEU C 151 -19.15 -20.45 1.94
CA LEU C 151 -20.24 -19.90 1.08
C LEU C 151 -21.06 -21.06 0.51
N VAL C 152 -22.38 -21.08 0.78
CA VAL C 152 -23.35 -22.13 0.30
C VAL C 152 -24.59 -21.46 -0.30
N GLU C 153 -24.51 -20.14 -0.54
CA GLU C 153 -25.56 -19.26 -1.13
C GLU C 153 -25.09 -18.82 -2.52
N SER C 154 -26.00 -18.71 -3.48
CA SER C 154 -25.71 -18.15 -4.83
C SER C 154 -25.59 -16.62 -4.75
N CYS C 155 -26.24 -16.00 -3.74
CA CYS C 155 -26.21 -14.55 -3.43
C CYS C 155 -25.16 -14.26 -2.35
N LYS C 156 -23.96 -13.82 -2.77
CA LYS C 156 -22.81 -13.45 -1.88
C LYS C 156 -23.15 -12.20 -1.07
N GLU C 157 -23.86 -11.22 -1.65
CA GLU C 157 -24.38 -10.02 -0.96
C GLU C 157 -25.03 -10.46 0.36
N ALA C 158 -25.83 -11.54 0.34
CA ALA C 158 -26.59 -12.07 1.50
C ALA C 158 -25.63 -12.47 2.62
N PHE C 159 -24.54 -13.15 2.27
CA PHE C 159 -23.51 -13.68 3.20
C PHE C 159 -22.86 -12.54 3.99
N TRP C 160 -22.42 -11.48 3.30
CA TRP C 160 -21.68 -10.34 3.89
C TRP C 160 -22.62 -9.49 4.76
N ASP C 161 -23.83 -9.21 4.26
CA ASP C 161 -24.90 -8.53 5.02
C ASP C 161 -25.12 -9.28 6.35
N ARG C 162 -25.02 -10.61 6.35
CA ARG C 162 -25.29 -11.45 7.55
C ARG C 162 -24.11 -11.38 8.51
N CYS C 163 -22.88 -11.41 7.97
CA CYS C 163 -21.62 -11.19 8.74
C CYS C 163 -21.77 -9.90 9.54
N LEU C 164 -22.18 -8.81 8.87
CA LEU C 164 -22.32 -7.46 9.48
C LEU C 164 -23.39 -7.50 10.56
N SER C 165 -24.49 -8.21 10.30
CA SER C 165 -25.60 -8.43 11.26
C SER C 165 -25.07 -9.06 12.55
N VAL C 166 -24.30 -10.15 12.44
CA VAL C 166 -23.87 -10.96 13.63
C VAL C 166 -22.81 -10.19 14.43
N ILE C 167 -21.89 -9.51 13.75
CA ILE C 167 -20.89 -8.62 14.40
C ILE C 167 -21.60 -7.51 15.18
N ASN C 168 -22.66 -6.93 14.63
CA ASN C 168 -23.43 -5.85 15.29
C ASN C 168 -24.15 -6.41 16.52
N LEU C 169 -24.50 -7.69 16.54
CA LEU C 169 -25.22 -8.32 17.67
C LEU C 169 -24.26 -8.86 18.73
N MET C 170 -23.09 -9.40 18.33
CA MET C 170 -22.26 -10.32 19.16
C MET C 170 -20.89 -9.75 19.50
N SER C 171 -20.43 -8.68 18.83
CA SER C 171 -19.05 -8.16 18.99
C SER C 171 -18.71 -7.98 20.48
N SER C 172 -19.70 -7.73 21.32
CA SER C 172 -19.52 -7.39 22.75
C SER C 172 -19.31 -8.65 23.61
N LYS C 173 -20.08 -9.73 23.35
CA LYS C 173 -19.92 -11.05 24.02
C LYS C 173 -18.72 -11.81 23.44
N MET C 174 -18.37 -11.56 22.17
CA MET C 174 -17.17 -12.13 21.53
C MET C 174 -15.92 -11.76 22.34
N LEU C 175 -15.87 -10.55 22.89
CA LEU C 175 -14.75 -10.06 23.75
C LEU C 175 -14.91 -10.56 25.19
N GLN C 176 -16.15 -10.59 25.68
CA GLN C 176 -16.48 -10.90 27.10
C GLN C 176 -16.10 -12.36 27.44
N ILE C 177 -16.35 -13.30 26.53
CA ILE C 177 -16.03 -14.75 26.72
C ILE C 177 -14.52 -14.91 26.86
N ASN C 178 -13.74 -13.97 26.32
CA ASN C 178 -12.26 -13.94 26.38
C ASN C 178 -11.80 -13.17 27.63
N ALA C 179 -12.51 -12.11 28.02
CA ALA C 179 -12.13 -11.21 29.12
C ALA C 179 -12.56 -11.82 30.44
N ASP C 180 -13.73 -12.46 30.48
CA ASP C 180 -14.36 -13.03 31.70
C ASP C 180 -14.27 -14.54 31.65
N PRO C 181 -13.34 -15.17 32.40
CA PRO C 181 -13.33 -16.63 32.55
C PRO C 181 -14.65 -17.19 33.09
N HIS C 182 -15.33 -16.49 34.01
CA HIS C 182 -16.63 -16.94 34.59
C HIS C 182 -17.64 -17.17 33.47
N TYR C 183 -17.72 -16.26 32.50
CA TYR C 183 -18.69 -16.30 31.38
C TYR C 183 -18.36 -17.51 30.48
N PHE C 184 -17.08 -17.74 30.23
CA PHE C 184 -16.57 -18.88 29.40
C PHE C 184 -17.04 -20.20 30.01
N THR C 185 -16.91 -20.36 31.32
CA THR C 185 -17.30 -21.58 32.08
C THR C 185 -18.83 -21.73 32.09
N GLN C 186 -19.57 -20.64 32.32
CA GLN C 186 -21.04 -20.58 32.21
C GLN C 186 -21.49 -21.15 30.85
N VAL C 187 -20.85 -20.74 29.76
CA VAL C 187 -21.20 -21.12 28.35
C VAL C 187 -20.73 -22.56 28.07
N PHE C 188 -19.55 -22.94 28.57
CA PHE C 188 -18.99 -24.31 28.51
C PHE C 188 -19.97 -25.30 29.16
N SER C 189 -20.45 -24.96 30.36
CA SER C 189 -21.47 -25.70 31.15
C SER C 189 -22.75 -25.87 30.32
N ASP C 190 -23.33 -24.76 29.86
CA ASP C 190 -24.58 -24.73 29.07
C ASP C 190 -24.47 -25.66 27.86
N LEU C 191 -23.34 -25.66 27.17
CA LEU C 191 -23.09 -26.53 25.99
C LEU C 191 -23.25 -28.00 26.38
N LYS C 192 -22.57 -28.42 27.45
CA LYS C 192 -22.54 -29.83 27.92
C LYS C 192 -23.94 -30.28 28.35
N ASN C 193 -24.82 -29.33 28.76
CA ASN C 193 -26.21 -29.61 29.22
C ASN C 193 -27.20 -29.59 28.05
N GLU C 194 -26.71 -29.68 26.80
CA GLU C 194 -27.54 -29.62 25.57
C GLU C 194 -27.72 -31.04 25.01
N SER C 195 -27.17 -32.06 25.68
CA SER C 195 -27.57 -33.48 25.53
C SER C 195 -28.37 -33.91 26.76
N SER D 49 -5.65 20.18 -42.04
CA SER D 49 -6.47 20.38 -40.81
C SER D 49 -7.07 19.04 -40.35
N THR D 50 -7.70 19.06 -39.18
CA THR D 50 -8.35 17.90 -38.51
C THR D 50 -9.39 17.27 -39.45
N SER D 51 -10.38 18.04 -39.88
CA SER D 51 -11.48 17.62 -40.79
C SER D 51 -10.88 16.90 -42.01
N GLU D 52 -9.88 17.52 -42.65
CA GLU D 52 -9.16 16.98 -43.83
C GLU D 52 -8.54 15.61 -43.50
N LEU D 53 -7.89 15.49 -42.34
CA LEU D 53 -7.19 14.26 -41.91
C LEU D 53 -8.18 13.19 -41.45
N LEU D 54 -9.30 13.60 -40.84
CA LEU D 54 -10.43 12.71 -40.42
C LEU D 54 -11.15 12.15 -41.66
N ARG D 55 -11.24 12.95 -42.74
CA ARG D 55 -11.88 12.55 -44.02
C ARG D 55 -11.06 11.44 -44.70
N CYS D 56 -9.73 11.49 -44.56
CA CYS D 56 -8.75 10.57 -45.25
C CYS D 56 -8.99 9.11 -44.86
N LEU D 57 -8.77 8.76 -43.58
CA LEU D 57 -8.83 7.36 -43.06
C LEU D 57 -10.29 6.91 -42.93
N CYS D 65 -12.28 -1.54 -44.75
CA CYS D 65 -13.23 -2.66 -44.48
C CYS D 65 -14.32 -2.71 -45.57
N TYR D 66 -13.89 -2.82 -46.84
CA TYR D 66 -14.73 -2.75 -48.06
C TYR D 66 -15.98 -3.64 -47.94
N ARG D 67 -15.98 -4.64 -47.07
CA ARG D 67 -17.04 -5.69 -46.93
C ARG D 67 -18.39 -5.09 -46.50
N LEU D 68 -18.41 -3.92 -45.85
CA LEU D 68 -19.64 -3.24 -45.37
C LEU D 68 -20.25 -2.37 -46.48
N LYS D 69 -21.49 -2.67 -46.92
CA LYS D 69 -22.28 -1.86 -47.89
C LYS D 69 -22.35 -0.40 -47.43
N HIS D 70 -22.46 -0.15 -46.12
CA HIS D 70 -22.59 1.19 -45.50
C HIS D 70 -21.29 1.57 -44.76
N LEU D 71 -20.17 1.58 -45.48
CA LEU D 71 -18.86 2.14 -45.04
C LEU D 71 -18.59 3.48 -45.74
N SER D 72 -18.19 4.50 -45.00
CA SER D 72 -17.88 5.86 -45.52
C SER D 72 -16.67 6.43 -44.81
N PRO D 73 -16.03 7.51 -45.34
CA PRO D 73 -15.07 8.30 -44.58
C PRO D 73 -15.69 9.41 -43.69
N THR D 74 -16.92 9.87 -43.99
CA THR D 74 -17.63 10.95 -43.25
C THR D 74 -18.79 10.37 -42.42
N ASP D 75 -18.71 9.09 -42.04
CA ASP D 75 -19.67 8.41 -41.13
C ASP D 75 -18.95 7.91 -39.87
N PRO D 76 -17.77 7.25 -39.96
CA PRO D 76 -16.96 6.97 -38.78
C PRO D 76 -16.61 8.23 -37.97
N VAL D 77 -16.39 9.36 -38.67
CA VAL D 77 -16.12 10.70 -38.07
C VAL D 77 -17.24 11.04 -37.06
N LEU D 78 -18.50 10.77 -37.42
CA LEU D 78 -19.71 11.06 -36.60
C LEU D 78 -19.57 10.42 -35.22
N TRP D 79 -19.18 9.14 -35.14
CA TRP D 79 -19.00 8.36 -33.88
C TRP D 79 -18.06 9.10 -32.90
N LEU D 80 -16.94 9.61 -33.41
CA LEU D 80 -15.75 10.02 -32.62
C LEU D 80 -15.98 11.41 -32.00
N ARG D 81 -16.62 12.35 -32.72
CA ARG D 81 -16.83 13.74 -32.23
C ARG D 81 -17.69 13.69 -30.95
N SER D 82 -18.74 12.88 -30.97
CA SER D 82 -19.71 12.71 -29.86
C SER D 82 -18.97 12.26 -28.59
N VAL D 83 -18.02 11.33 -28.73
CA VAL D 83 -17.19 10.79 -27.60
C VAL D 83 -16.33 11.92 -27.03
N ASP D 84 -15.57 12.63 -27.87
CA ASP D 84 -14.63 13.69 -27.41
C ASP D 84 -15.44 14.78 -26.68
N ARG D 85 -16.66 15.04 -27.12
CA ARG D 85 -17.60 16.01 -26.46
C ARG D 85 -17.97 15.47 -25.08
N SER D 86 -18.43 14.22 -24.99
CA SER D 86 -18.89 13.58 -23.72
C SER D 86 -17.84 13.75 -22.62
N LEU D 87 -16.58 13.39 -22.91
CA LEU D 87 -15.45 13.48 -21.94
C LEU D 87 -15.22 14.94 -21.51
N LEU D 88 -15.39 15.88 -22.46
CA LEU D 88 -15.23 17.34 -22.24
C LEU D 88 -16.32 17.84 -21.29
N LEU D 89 -17.58 17.49 -21.59
CA LEU D 89 -18.80 17.86 -20.82
C LEU D 89 -18.75 17.27 -19.41
N GLN D 90 -18.17 16.08 -19.26
CA GLN D 90 -18.05 15.38 -17.95
C GLN D 90 -16.83 15.91 -17.18
N GLY D 91 -15.98 16.70 -17.85
CA GLY D 91 -14.84 17.43 -17.23
C GLY D 91 -13.73 16.50 -16.80
N TRP D 92 -13.40 15.48 -17.60
CA TRP D 92 -12.21 14.62 -17.37
C TRP D 92 -11.08 15.05 -18.32
N GLN D 93 -11.31 16.09 -19.11
CA GLN D 93 -10.22 16.79 -19.89
C GLN D 93 -10.59 18.26 -20.08
N ASP D 94 -9.59 19.10 -20.33
CA ASP D 94 -9.69 20.56 -20.57
C ASP D 94 -9.93 20.81 -22.06
N GLN D 95 -9.18 20.12 -22.93
CA GLN D 95 -9.26 20.27 -24.40
C GLN D 95 -9.67 18.94 -25.04
N GLY D 96 -10.17 18.99 -26.27
CA GLY D 96 -10.50 17.79 -27.07
C GLY D 96 -9.24 17.06 -27.50
N PHE D 97 -9.28 15.73 -27.57
CA PHE D 97 -8.14 14.87 -27.95
C PHE D 97 -7.88 14.89 -29.46
N ILE D 98 -8.91 15.19 -30.27
CA ILE D 98 -8.88 15.01 -31.75
C ILE D 98 -8.07 16.13 -32.43
N THR D 99 -6.77 15.90 -32.64
CA THR D 99 -5.84 16.84 -33.32
C THR D 99 -5.14 16.11 -34.46
N PRO D 100 -4.53 16.86 -35.41
CA PRO D 100 -3.82 16.26 -36.54
C PRO D 100 -2.85 15.13 -36.11
N ALA D 101 -1.97 15.42 -35.15
CA ALA D 101 -0.86 14.53 -34.73
C ALA D 101 -1.45 13.19 -34.24
N ASN D 102 -2.51 13.24 -33.42
CA ASN D 102 -3.13 12.06 -32.78
C ASN D 102 -3.87 11.21 -33.83
N VAL D 103 -4.46 11.86 -34.85
CA VAL D 103 -5.16 11.15 -35.96
C VAL D 103 -4.11 10.34 -36.74
N VAL D 104 -2.94 10.93 -36.98
CA VAL D 104 -1.77 10.27 -37.65
C VAL D 104 -1.32 9.06 -36.83
N PHE D 105 -1.17 9.22 -35.50
CA PHE D 105 -0.82 8.11 -34.58
C PHE D 105 -1.87 6.99 -34.71
N LEU D 106 -3.15 7.32 -34.56
CA LEU D 106 -4.31 6.38 -34.62
C LEU D 106 -4.25 5.58 -35.94
N TYR D 107 -3.94 6.26 -37.04
CA TYR D 107 -3.82 5.67 -38.40
C TYR D 107 -2.69 4.64 -38.40
N MET D 108 -1.52 5.03 -37.87
CA MET D 108 -0.30 4.17 -37.75
C MET D 108 -0.66 2.80 -37.16
N LEU D 109 -1.52 2.79 -36.13
CA LEU D 109 -2.02 1.55 -35.47
C LEU D 109 -3.01 0.83 -36.40
N CYS D 110 -4.06 1.54 -36.84
CA CYS D 110 -5.18 1.00 -37.66
C CYS D 110 -4.67 0.21 -38.88
N ARG D 111 -3.65 0.71 -39.58
CA ARG D 111 -3.11 0.12 -40.83
C ARG D 111 -2.52 -1.27 -40.55
N ASP D 112 -1.96 -1.47 -39.35
CA ASP D 112 -1.30 -2.73 -38.92
C ASP D 112 -2.30 -3.54 -38.08
N GLU D 117 -10.76 -7.70 -41.74
CA GLU D 117 -11.69 -8.66 -42.41
C GLU D 117 -13.02 -8.72 -41.65
N VAL D 118 -13.58 -7.55 -41.35
CA VAL D 118 -14.78 -7.37 -40.48
C VAL D 118 -15.76 -6.42 -41.16
N GLY D 119 -17.03 -6.84 -41.32
CA GLY D 119 -18.08 -6.07 -42.02
C GLY D 119 -18.98 -5.33 -41.05
N SER D 120 -19.34 -5.94 -39.92
CA SER D 120 -20.53 -5.61 -39.09
C SER D 120 -20.40 -4.24 -38.43
N ASP D 121 -21.53 -3.58 -38.18
CA ASP D 121 -21.69 -2.34 -37.35
C ASP D 121 -21.05 -2.56 -35.97
N HIS D 122 -21.23 -3.74 -35.38
CA HIS D 122 -20.71 -4.10 -34.03
C HIS D 122 -19.17 -4.04 -34.05
N GLU D 123 -18.54 -4.83 -34.92
CA GLU D 123 -17.12 -5.23 -34.75
C GLU D 123 -16.21 -4.04 -35.08
N LEU D 124 -16.47 -3.33 -36.18
CA LEU D 124 -15.55 -2.27 -36.69
C LEU D 124 -15.46 -1.15 -35.65
N GLN D 125 -16.59 -0.72 -35.09
CA GLN D 125 -16.63 0.38 -34.09
C GLN D 125 -15.94 -0.10 -32.81
N ALA D 126 -16.23 -1.32 -32.35
CA ALA D 126 -15.58 -1.93 -31.17
C ALA D 126 -14.05 -1.87 -31.35
N VAL D 127 -13.55 -2.24 -32.53
CA VAL D 127 -12.09 -2.33 -32.79
C VAL D 127 -11.53 -0.91 -32.92
N LEU D 128 -12.20 -0.01 -33.64
CA LEU D 128 -11.74 1.40 -33.83
C LEU D 128 -11.61 2.07 -32.47
N LEU D 129 -12.60 1.91 -31.59
CA LEU D 129 -12.65 2.56 -30.26
C LEU D 129 -11.60 1.93 -29.34
N THR D 130 -11.25 0.65 -29.54
CA THR D 130 -10.13 0.00 -28.81
C THR D 130 -8.83 0.72 -29.20
N CYS D 131 -8.61 0.95 -30.51
CA CYS D 131 -7.42 1.67 -31.05
C CYS D 131 -7.41 3.11 -30.51
N LEU D 132 -8.59 3.73 -30.41
CA LEU D 132 -8.78 5.10 -29.87
C LEU D 132 -8.36 5.11 -28.40
N TYR D 133 -8.96 4.25 -27.57
CA TYR D 133 -8.66 4.11 -26.12
C TYR D 133 -7.15 3.98 -25.91
N LEU D 134 -6.47 3.24 -26.79
CA LEU D 134 -4.99 3.04 -26.76
C LEU D 134 -4.28 4.35 -27.14
N SER D 135 -4.80 5.09 -28.12
CA SER D 135 -4.19 6.38 -28.55
C SER D 135 -4.31 7.41 -27.42
N TYR D 136 -5.48 7.55 -26.81
CA TYR D 136 -5.70 8.41 -25.61
C TYR D 136 -4.64 8.05 -24.57
N SER D 137 -4.60 6.79 -24.16
CA SER D 137 -3.74 6.27 -23.07
C SER D 137 -2.25 6.45 -23.39
N TYR D 138 -1.86 6.53 -24.66
CA TYR D 138 -0.44 6.67 -25.07
C TYR D 138 -0.06 8.14 -25.29
N MET D 139 -0.99 8.95 -25.83
CA MET D 139 -0.69 10.31 -26.37
C MET D 139 -1.56 11.40 -25.70
N GLY D 140 -2.66 11.03 -25.03
CA GLY D 140 -3.58 11.96 -24.37
C GLY D 140 -2.88 12.82 -23.33
N ASN D 141 -3.30 14.08 -23.21
CA ASN D 141 -2.77 15.10 -22.26
C ASN D 141 -2.92 14.59 -20.82
N GLU D 142 -4.02 13.90 -20.54
CA GLU D 142 -4.43 13.46 -19.18
C GLU D 142 -3.68 12.16 -18.85
N ILE D 143 -3.41 11.91 -17.57
CA ILE D 143 -2.71 10.69 -17.10
C ILE D 143 -3.56 9.45 -17.37
N SER D 144 -4.90 9.55 -17.30
CA SER D 144 -5.85 8.42 -17.42
C SER D 144 -7.23 8.88 -17.93
N TYR D 145 -8.01 7.97 -18.51
CA TYR D 145 -9.32 8.23 -19.16
C TYR D 145 -10.31 7.12 -18.85
N PRO D 146 -11.58 7.44 -18.53
CA PRO D 146 -12.57 6.43 -18.14
C PRO D 146 -13.13 5.60 -19.31
N LEU D 147 -13.85 4.51 -19.00
CA LEU D 147 -14.15 3.40 -19.96
C LEU D 147 -15.53 3.59 -20.60
N LYS D 148 -16.54 4.05 -19.85
CA LYS D 148 -17.98 3.94 -20.28
C LYS D 148 -18.16 4.57 -21.66
N PRO D 149 -17.65 5.79 -21.90
CA PRO D 149 -17.77 6.42 -23.21
C PRO D 149 -17.09 5.62 -24.34
N PHE D 150 -16.10 4.78 -24.02
CA PHE D 150 -15.25 4.04 -24.98
C PHE D 150 -15.71 2.59 -25.18
N LEU D 151 -16.61 2.08 -24.34
CA LEU D 151 -17.07 0.67 -24.35
C LEU D 151 -18.36 0.54 -25.15
N VAL D 152 -18.35 -0.29 -26.21
CA VAL D 152 -19.52 -0.54 -27.10
C VAL D 152 -19.71 -2.06 -27.27
N GLU D 153 -19.01 -2.89 -26.50
CA GLU D 153 -19.24 -4.35 -26.37
C GLU D 153 -19.96 -4.62 -25.05
N SER D 154 -21.00 -5.46 -25.05
CA SER D 154 -21.66 -5.99 -23.82
C SER D 154 -20.75 -7.07 -23.20
N CYS D 155 -19.93 -7.73 -24.02
CA CYS D 155 -18.96 -8.79 -23.61
C CYS D 155 -17.55 -8.20 -23.50
N LYS D 156 -17.15 -7.80 -22.29
CA LYS D 156 -15.95 -6.97 -22.02
C LYS D 156 -14.67 -7.79 -22.23
N GLU D 157 -14.67 -9.06 -21.80
CA GLU D 157 -13.43 -9.90 -21.76
C GLU D 157 -12.72 -9.85 -23.12
N ALA D 158 -13.49 -9.96 -24.21
CA ALA D 158 -12.99 -10.01 -25.61
C ALA D 158 -12.25 -8.71 -25.94
N PHE D 159 -12.82 -7.56 -25.53
CA PHE D 159 -12.30 -6.18 -25.76
C PHE D 159 -10.88 -6.02 -25.21
N TRP D 160 -10.65 -6.45 -23.96
CA TRP D 160 -9.35 -6.27 -23.26
C TRP D 160 -8.26 -7.17 -23.87
N ASP D 161 -8.59 -8.42 -24.19
CA ASP D 161 -7.64 -9.41 -24.77
C ASP D 161 -7.00 -8.82 -26.03
N ARG D 162 -7.77 -8.04 -26.81
CA ARG D 162 -7.34 -7.41 -28.09
C ARG D 162 -6.33 -6.28 -27.83
N CYS D 163 -6.56 -5.47 -26.79
CA CYS D 163 -5.61 -4.44 -26.29
C CYS D 163 -4.22 -5.08 -26.11
N LEU D 164 -4.13 -6.22 -25.41
CA LEU D 164 -2.85 -6.94 -25.14
C LEU D 164 -2.22 -7.38 -26.47
N SER D 165 -3.05 -7.86 -27.40
CA SER D 165 -2.63 -8.26 -28.77
C SER D 165 -1.94 -7.09 -29.50
N VAL D 166 -2.59 -5.91 -29.52
CA VAL D 166 -2.13 -4.72 -30.31
C VAL D 166 -0.85 -4.15 -29.68
N ILE D 167 -0.76 -4.09 -28.36
CA ILE D 167 0.44 -3.63 -27.62
C ILE D 167 1.62 -4.56 -27.93
N ASN D 168 1.37 -5.87 -28.01
CA ASN D 168 2.42 -6.88 -28.31
C ASN D 168 2.90 -6.69 -29.77
N LEU D 169 2.05 -6.18 -30.66
CA LEU D 169 2.41 -5.98 -32.09
C LEU D 169 3.05 -4.60 -32.32
N MET D 170 2.59 -3.55 -31.61
CA MET D 170 2.84 -2.13 -32.01
C MET D 170 3.69 -1.36 -30.99
N SER D 171 3.96 -1.90 -29.80
CA SER D 171 4.68 -1.18 -28.72
C SER D 171 5.99 -0.56 -29.26
N SER D 172 6.59 -1.18 -30.27
CA SER D 172 7.93 -0.81 -30.81
C SER D 172 7.83 0.40 -31.75
N LYS D 173 6.82 0.42 -32.64
CA LYS D 173 6.52 1.54 -33.57
C LYS D 173 5.87 2.70 -32.80
N MET D 174 5.12 2.41 -31.73
CA MET D 174 4.46 3.44 -30.87
C MET D 174 5.52 4.39 -30.30
N LEU D 175 6.69 3.89 -29.92
CA LEU D 175 7.80 4.71 -29.36
C LEU D 175 8.63 5.32 -30.51
N GLN D 176 8.80 4.58 -31.62
CA GLN D 176 9.66 4.99 -32.76
C GLN D 176 9.08 6.25 -33.44
N ILE D 177 7.76 6.34 -33.61
CA ILE D 177 7.07 7.51 -34.25
C ILE D 177 7.32 8.77 -33.39
N ASN D 178 7.62 8.58 -32.10
CA ASN D 178 7.92 9.70 -31.14
C ASN D 178 9.43 9.97 -31.10
N ALA D 179 10.27 8.93 -31.23
CA ALA D 179 11.74 9.04 -31.16
C ALA D 179 12.28 9.54 -32.50
N ASP D 180 11.68 9.07 -33.60
CA ASP D 180 12.16 9.27 -35.00
C ASP D 180 11.25 10.29 -35.70
N PRO D 181 11.70 11.55 -35.87
CA PRO D 181 10.93 12.54 -36.63
C PRO D 181 10.55 12.09 -38.05
N HIS D 182 11.48 11.43 -38.75
CA HIS D 182 11.30 10.93 -40.14
C HIS D 182 10.05 10.05 -40.21
N TYR D 183 9.86 9.17 -39.23
CA TYR D 183 8.76 8.16 -39.18
C TYR D 183 7.41 8.87 -39.09
N PHE D 184 7.30 9.95 -38.29
CA PHE D 184 6.06 10.77 -38.16
C PHE D 184 5.62 11.27 -39.54
N THR D 185 6.57 11.83 -40.31
CA THR D 185 6.33 12.45 -41.64
C THR D 185 5.98 11.36 -42.67
N GLN D 186 6.70 10.24 -42.64
CA GLN D 186 6.42 9.01 -43.44
C GLN D 186 4.94 8.63 -43.30
N VAL D 187 4.44 8.57 -42.05
CA VAL D 187 3.07 8.12 -41.70
C VAL D 187 2.05 9.23 -42.03
N PHE D 188 2.41 10.49 -41.77
CA PHE D 188 1.63 11.72 -42.12
C PHE D 188 1.37 11.73 -43.64
N SER D 189 2.42 11.50 -44.43
CA SER D 189 2.40 11.41 -45.92
C SER D 189 1.42 10.30 -46.36
N ASP D 190 1.62 9.08 -45.87
CA ASP D 190 0.80 7.88 -46.20
C ASP D 190 -0.69 8.21 -45.96
N LEU D 191 -1.02 8.85 -44.84
CA LEU D 191 -2.42 9.20 -44.48
C LEU D 191 -3.02 10.10 -45.57
N LYS D 192 -2.31 11.16 -45.97
CA LYS D 192 -2.79 12.16 -46.97
C LYS D 192 -3.00 11.48 -48.34
N ASN D 193 -2.29 10.38 -48.61
CA ASN D 193 -2.35 9.63 -49.90
C ASN D 193 -3.40 8.51 -49.84
N GLU D 194 -4.34 8.58 -48.89
CA GLU D 194 -5.40 7.55 -48.67
C GLU D 194 -6.67 7.93 -49.45
N SER D 195 -6.74 9.18 -49.91
CA SER D 195 -7.70 9.67 -50.93
C SER D 195 -6.94 10.03 -52.21
#